data_5XUT
#
_entry.id   5XUT
#
_cell.length_a   102.450
_cell.length_b   102.450
_cell.length_c   373.885
_cell.angle_alpha   90.00
_cell.angle_beta   90.00
_cell.angle_gamma   90.00
#
_symmetry.space_group_name_H-M   'P 41 21 2'
#
loop_
_entity.id
_entity.type
_entity.pdbx_description
1 polymer LbCpf1
2 polymer crRNA
3 polymer 'DNA (29-MER)'
4 polymer "DNA (5'-D(*CP*GP*TP*CP*CP*TP*CP*TP*A)-3')"
5 non-polymer 'MAGNESIUM ION'
6 non-polymer 1,2-ETHANEDIOL
7 non-polymer 'SODIUM ION'
8 water water
#
loop_
_entity_poly.entity_id
_entity_poly.type
_entity_poly.pdbx_seq_one_letter_code
_entity_poly.pdbx_strand_id
1 'polypeptide(L)'
;GSHMSKLEKFTNCYSLSKTLRFKAIPVGKTQENIDNKRLLVEDEKRAEDYKGVKKLLDRYYLSFINDVLHSIKLKNLNNY
ISLFRKKTRTEKENKELENLEINLRKEIAKAFKGNEGYKSLFKKDIIETILPEFLDDKDEIALVNSFNGFTTAFTGFFDN
RENMFSEEAKSTSIAFRCINENLTRYISNMDIFEKVDAIFDKHEVQEIKEKILNSDYDVEDFFEGEFFNFVLTQEGIDVY
NAIIGGFVTESGEKIKGLNEYINLYNQKTKQKLPKFKPLYKQVLSDRESLSFYGEGYTSDEEVLEVFRNTLNKNSEIFSS
IKKLEKLFKNFDEYSSAGIFVKNGPAISTISKDIFGEWNVIRDKWNAEYDDIHLKKKAVVTEKYEDDRRKSFKKIGSFSL
EQLQEYADADLSVVEKLKEIIIQKVDEIYKVYGSSEKLFDADFVLEKSLKKNDAVVAIMKDLLDSVKSFENYIKAFFGEG
KETNRDESFYGDFVLAYDILLKVDHIYDAIRNYVTQKPYSKDKFKLYFQNPQFMGGWDKDKETDYRATILRYGSKYYLAI
MDKKYAKCLQKIDKDDVNGNYEKINYKLLPGPNKMLPKVFFSKKWMAYYNPSEDIQKIYKNGTFKKGDMFNLNDCHKLID
FFKDSISRYPKWSNAYDFNFSETEKYKDIAGFYREVEEQGYKVSFESASKKEVDKLVEEGKLYMFQIYNKDFSDKSHGTP
NLHTMYFKLLFDENNHGQIRLSGGAELFMRRASLKKEELVVHPANSPIANKNPDNPKKTTTLSYDVYKDKRFSEDQYELH
IPIAINKCPKNIFKINTEVRVLLKHDDNPYVIGIDRGERNLLYIVVVDGKGNIVEQYSLNEIINNFNGIRIKTDYHSLLD
KKEKERFEARQNWTSIENIKELKAGYISQVVHKICELVEKYDAVIALEDLNSGFKNSRVKVEKQVYQKFEKMLIDKLNYM
VDKKSNPCATGGALKGYQITNKFESFKSMSTQNGFIFYIPAWLTSKIDPSTGFVNLLKTKYTSIADSKKFISSFDRIMYV
PEEDLFEFALDYKNFSRTDADYIKKWKLYSYGNRIRIFRNPKKNNVFDWEEVCLTSAYKELFNKYGINYQQGDIRALLCE
QSDKAFYSSFMALMSLMLQMRNSITGRTDVDFLISPVKNSDGIFYDSRNYEAQENAILPKNADANGAYNIARKVLWAIGQ
FKKAEDEKLDKVKIAISNKEWLEYAQTSVKH
;
A
2 'polyribonucleotide' AAUUUCUACUAAGUGUAGAUGGAAAUUAGGUGCGCUUGGC B
3 'polydeoxyribonucleotide'
;(DG)(DC)(DC)(DA)(DA)(DG)(DC)(DG)(DC)(DA)(DC)(DC)(DT)(DA)(DA)(DT)(DT)(DT)(DC)(DC)
(DT)(DA)(DG)(DA)(DG)(DG)(DA)(DC)(DG)
;
C
4 'polydeoxyribonucleotide' (DC)(DG)(DT)(DC)(DC)(DT)(DC)(DT)(DA) D
#
loop_
_chem_comp.id
_chem_comp.type
_chem_comp.name
_chem_comp.formula
A RNA linking ADENOSINE-5'-MONOPHOSPHATE 'C10 H14 N5 O7 P'
C RNA linking CYTIDINE-5'-MONOPHOSPHATE 'C9 H14 N3 O8 P'
DA DNA linking 2'-DEOXYADENOSINE-5'-MONOPHOSPHATE 'C10 H14 N5 O6 P'
DC DNA linking 2'-DEOXYCYTIDINE-5'-MONOPHOSPHATE 'C9 H14 N3 O7 P'
DG DNA linking 2'-DEOXYGUANOSINE-5'-MONOPHOSPHATE 'C10 H14 N5 O7 P'
DT DNA linking THYMIDINE-5'-MONOPHOSPHATE 'C10 H15 N2 O8 P'
EDO non-polymer 1,2-ETHANEDIOL 'C2 H6 O2'
G RNA linking GUANOSINE-5'-MONOPHOSPHATE 'C10 H14 N5 O8 P'
MG non-polymer 'MAGNESIUM ION' 'Mg 2'
NA non-polymer 'SODIUM ION' 'Na 1'
U RNA linking URIDINE-5'-MONOPHOSPHATE 'C9 H13 N2 O9 P'
#
# COMPACT_ATOMS: atom_id res chain seq x y z
N MET A 4 -39.73 -0.22 -8.16
CA MET A 4 -38.55 0.11 -7.35
C MET A 4 -37.29 -0.53 -7.94
N SER A 5 -36.13 -0.13 -7.43
CA SER A 5 -34.83 -0.66 -7.83
C SER A 5 -34.29 -1.61 -6.75
N LYS A 6 -33.15 -2.23 -7.04
CA LYS A 6 -32.46 -2.95 -5.97
C LYS A 6 -31.72 -2.00 -5.01
N LEU A 7 -31.23 -0.87 -5.50
CA LEU A 7 -30.53 0.08 -4.64
C LEU A 7 -31.42 0.61 -3.53
N GLU A 8 -32.73 0.68 -3.76
CA GLU A 8 -33.63 1.34 -2.81
C GLU A 8 -33.65 0.65 -1.46
N LYS A 9 -33.33 -0.64 -1.42
CA LYS A 9 -33.42 -1.41 -0.19
C LYS A 9 -32.25 -1.13 0.75
N PHE A 10 -31.24 -0.37 0.33
CA PHE A 10 -30.01 -0.33 1.11
C PHE A 10 -29.74 1.05 1.69
N THR A 11 -30.70 1.57 2.43
CA THR A 11 -30.48 2.77 3.21
C THR A 11 -30.61 2.42 4.68
N ASN A 12 -29.92 3.21 5.52
CA ASN A 12 -30.07 3.15 6.98
C ASN A 12 -29.76 1.75 7.51
N CYS A 13 -28.69 1.14 6.99
CA CYS A 13 -28.27 -0.22 7.34
C CYS A 13 -27.29 -0.26 8.50
N TYR A 14 -26.37 0.71 8.58
CA TYR A 14 -25.38 0.67 9.64
C TYR A 14 -24.76 2.04 9.85
N SER A 15 -24.03 2.15 10.94
CA SER A 15 -23.47 3.41 11.40
C SER A 15 -22.05 3.55 10.91
N LEU A 16 -21.67 4.79 10.66
CA LEU A 16 -20.26 5.09 10.41
C LEU A 16 -20.03 6.53 10.86
N SER A 17 -18.77 6.84 11.12
CA SER A 17 -18.31 8.18 11.48
C SER A 17 -17.40 8.75 10.39
N LYS A 18 -17.40 10.07 10.31
CA LYS A 18 -16.59 10.81 9.35
C LYS A 18 -16.17 12.11 10.00
N THR A 19 -15.19 12.78 9.38
CA THR A 19 -14.69 14.06 9.86
C THR A 19 -14.83 15.11 8.77
N LEU A 20 -15.36 16.26 9.13
CA LEU A 20 -15.39 17.38 8.21
C LEU A 20 -14.32 18.37 8.63
N ARG A 21 -13.65 18.96 7.64
CA ARG A 21 -12.57 19.88 7.91
C ARG A 21 -12.87 21.27 7.35
N PHE A 22 -12.52 22.29 8.13
CA PHE A 22 -12.80 23.67 7.79
C PHE A 22 -11.63 24.56 8.17
N LYS A 23 -11.54 25.69 7.47
CA LYS A 23 -10.69 26.77 7.91
C LYS A 23 -11.42 27.56 8.98
N ALA A 24 -10.69 27.98 10.02
CA ALA A 24 -11.24 28.84 11.08
C ALA A 24 -10.61 30.21 10.93
N ILE A 25 -11.43 31.20 10.56
CA ILE A 25 -10.98 32.55 10.32
C ILE A 25 -11.23 33.37 11.59
N PRO A 26 -10.19 33.87 12.27
CA PRO A 26 -10.42 34.67 13.48
C PRO A 26 -11.11 35.97 13.12
N VAL A 27 -12.16 36.31 13.88
CA VAL A 27 -13.00 37.46 13.58
C VAL A 27 -12.85 38.54 14.66
N GLY A 28 -12.76 39.80 14.21
CA GLY A 28 -12.70 40.91 15.14
C GLY A 28 -11.31 41.05 15.74
N LYS A 29 -11.27 41.26 17.05
CA LYS A 29 -10.04 41.35 17.82
C LYS A 29 -9.59 39.98 18.32
N THR A 30 -10.20 38.91 17.83
CA THR A 30 -9.82 37.58 18.27
C THR A 30 -8.32 37.34 18.08
N GLN A 31 -7.80 37.64 16.90
CA GLN A 31 -6.39 37.37 16.65
C GLN A 31 -5.49 38.24 17.52
N GLU A 32 -5.83 39.53 17.64
CA GLU A 32 -5.04 40.44 18.46
C GLU A 32 -4.99 39.96 19.91
N ASN A 33 -6.14 39.51 20.42
CA ASN A 33 -6.18 39.04 21.80
C ASN A 33 -5.40 37.73 21.96
N ILE A 34 -5.43 36.84 20.96
CA ILE A 34 -4.63 35.62 21.03
C ILE A 34 -3.14 35.94 20.95
N ASP A 35 -2.76 36.89 20.08
CA ASP A 35 -1.38 37.38 20.05
C ASP A 35 -0.94 37.90 21.41
N ASN A 36 -1.77 38.72 22.06
CA ASN A 36 -1.38 39.37 23.31
C ASN A 36 -1.23 38.36 24.44
N LYS A 37 -2.12 37.37 24.52
CA LYS A 37 -2.03 36.38 25.59
C LYS A 37 -0.99 35.31 25.30
N ARG A 38 -0.41 35.30 24.10
CA ARG A 38 0.66 34.37 23.72
C ARG A 38 0.19 32.91 23.79
N LEU A 39 -1.02 32.65 23.26
CA LEU A 39 -1.64 31.34 23.35
C LEU A 39 -1.03 30.34 22.37
N LEU A 40 -0.69 30.81 21.17
CA LEU A 40 -0.12 29.91 20.17
C LEU A 40 1.27 29.45 20.55
N VAL A 41 2.06 30.30 21.21
CA VAL A 41 3.41 29.88 21.58
C VAL A 41 3.34 28.86 22.71
N GLU A 42 2.40 29.03 23.63
CA GLU A 42 2.18 28.02 24.65
C GLU A 42 1.73 26.68 24.01
N ASP A 43 0.83 26.72 23.03
CA ASP A 43 0.34 25.46 22.45
C ASP A 43 1.43 24.75 21.65
N GLU A 44 2.30 25.51 20.98
CA GLU A 44 3.36 24.90 20.15
C GLU A 44 4.43 24.25 21.02
N LYS A 45 4.79 24.89 22.13
CA LYS A 45 5.68 24.28 23.10
C LYS A 45 5.03 23.05 23.73
N ARG A 46 3.74 23.14 24.06
CA ARG A 46 3.10 21.96 24.64
C ARG A 46 3.22 20.75 23.72
N ALA A 47 2.97 20.92 22.42
CA ALA A 47 3.02 19.77 21.51
C ALA A 47 4.40 19.15 21.47
N GLU A 48 5.45 19.97 21.56
CA GLU A 48 6.81 19.41 21.65
C GLU A 48 6.98 18.64 22.95
N ASP A 49 6.63 19.26 24.08
CA ASP A 49 6.75 18.60 25.39
C ASP A 49 5.88 17.35 25.46
N TYR A 50 4.68 17.41 24.89
CA TYR A 50 3.78 16.27 24.87
C TYR A 50 4.43 15.07 24.19
N LYS A 51 5.15 15.28 23.08
CA LYS A 51 5.86 14.17 22.43
C LYS A 51 7.01 13.68 23.30
N GLY A 52 7.64 14.58 24.06
CA GLY A 52 8.71 14.16 24.96
C GLY A 52 8.20 13.30 26.10
N VAL A 53 7.05 13.67 26.69
CA VAL A 53 6.48 12.86 27.76
C VAL A 53 6.02 11.51 27.22
N LYS A 54 5.42 11.52 26.02
CA LYS A 54 5.02 10.28 25.38
C LYS A 54 6.21 9.33 25.20
N LYS A 55 7.38 9.89 24.85
CA LYS A 55 8.59 9.07 24.74
C LYS A 55 9.04 8.56 26.12
N LEU A 56 8.89 9.39 27.16
CA LEU A 56 9.29 8.93 28.50
C LEU A 56 8.34 7.87 29.03
N LEU A 57 7.04 7.98 28.73
CA LEU A 57 6.11 6.91 29.09
C LEU A 57 6.48 5.59 28.41
N ASP A 58 6.83 5.64 27.13
CA ASP A 58 7.18 4.41 26.42
C ASP A 58 8.37 3.73 27.05
N ARG A 59 9.32 4.51 27.56
CA ARG A 59 10.45 3.89 28.25
C ARG A 59 9.95 3.06 29.43
N TYR A 60 9.00 3.59 30.19
CA TYR A 60 8.38 2.79 31.25
C TYR A 60 7.61 1.61 30.65
N TYR A 61 6.67 1.89 29.75
CA TYR A 61 5.85 0.83 29.19
C TYR A 61 6.70 -0.32 28.67
N LEU A 62 7.81 0.00 28.00
CA LEU A 62 8.64 -1.06 27.42
C LEU A 62 9.32 -1.87 28.52
N SER A 63 9.85 -1.20 29.55
CA SER A 63 10.39 -1.94 30.70
C SER A 63 9.34 -2.85 31.31
N PHE A 64 8.09 -2.38 31.41
CA PHE A 64 7.02 -3.21 31.97
C PHE A 64 6.81 -4.44 31.11
N ILE A 65 6.74 -4.23 29.79
CA ILE A 65 6.54 -5.31 28.83
C ILE A 65 7.65 -6.36 28.95
N ASN A 66 8.91 -5.92 28.94
CA ASN A 66 10.02 -6.88 28.86
C ASN A 66 10.16 -7.69 30.14
N ASP A 67 9.90 -7.07 31.30
CA ASP A 67 9.96 -7.82 32.54
C ASP A 67 8.91 -8.92 32.57
N VAL A 68 7.76 -8.68 31.93
CA VAL A 68 6.75 -9.72 31.84
C VAL A 68 7.14 -10.75 30.78
N LEU A 69 7.59 -10.30 29.60
CA LEU A 69 7.85 -11.24 28.53
C LEU A 69 9.12 -12.06 28.79
N HIS A 70 10.12 -11.48 29.45
CA HIS A 70 11.34 -12.24 29.76
C HIS A 70 11.06 -13.40 30.71
N SER A 71 9.95 -13.38 31.45
CA SER A 71 9.73 -14.33 32.52
C SER A 71 8.60 -15.31 32.21
N ILE A 72 8.07 -15.30 31.00
CA ILE A 72 6.88 -16.07 30.69
C ILE A 72 7.28 -17.39 30.04
N LYS A 73 6.62 -18.46 30.45
CA LYS A 73 6.78 -19.78 29.84
C LYS A 73 5.41 -20.20 29.32
N LEU A 74 5.29 -20.30 28.00
CA LEU A 74 4.00 -20.58 27.38
C LEU A 74 3.58 -22.03 27.63
N LYS A 75 2.48 -22.22 28.36
CA LYS A 75 2.04 -23.57 28.73
C LYS A 75 1.46 -24.31 27.52
N ASN A 76 0.51 -23.68 26.82
CA ASN A 76 -0.15 -24.27 25.66
C ASN A 76 0.80 -24.53 24.49
N LEU A 77 2.09 -24.22 24.65
CA LEU A 77 2.96 -24.06 23.49
C LEU A 77 3.19 -25.38 22.75
N ASN A 78 3.59 -26.44 23.47
CA ASN A 78 3.99 -27.66 22.76
C ASN A 78 2.80 -28.36 22.12
N ASN A 79 1.65 -28.36 22.80
CA ASN A 79 0.42 -28.86 22.17
C ASN A 79 0.14 -28.10 20.88
N TYR A 80 0.27 -26.76 20.93
CA TYR A 80 -0.04 -25.94 19.76
C TYR A 80 0.88 -26.28 18.60
N ILE A 81 2.19 -26.34 18.84
CA ILE A 81 3.12 -26.58 17.74
C ILE A 81 2.89 -27.95 17.13
N SER A 82 2.70 -28.97 17.98
CA SER A 82 2.40 -30.31 17.52
C SER A 82 1.23 -30.31 16.54
N LEU A 83 0.10 -29.72 16.95
CA LEU A 83 -1.11 -29.70 16.12
C LEU A 83 -0.91 -28.81 14.90
N PHE A 84 -0.19 -27.70 15.05
CA PHE A 84 0.07 -26.78 13.94
C PHE A 84 0.78 -27.48 12.78
N ARG A 85 1.65 -28.43 13.08
CA ARG A 85 2.45 -29.07 12.05
C ARG A 85 1.79 -30.33 11.46
N LYS A 86 0.66 -30.76 12.01
CA LYS A 86 -0.09 -31.87 11.44
C LYS A 86 -0.60 -31.52 10.04
N LYS A 87 -0.54 -32.49 9.13
CA LYS A 87 -0.88 -32.28 7.73
C LYS A 87 -2.23 -32.87 7.34
N THR A 88 -2.71 -33.85 8.08
CA THR A 88 -4.10 -34.31 8.00
C THR A 88 -4.77 -33.77 9.26
N ARG A 89 -5.55 -32.71 9.11
CA ARG A 89 -6.29 -32.11 10.21
C ARG A 89 -7.78 -32.28 9.95
N THR A 90 -8.48 -32.94 10.88
CA THR A 90 -9.93 -32.95 10.81
C THR A 90 -10.44 -31.52 11.04
N GLU A 91 -11.66 -31.26 10.55
CA GLU A 91 -12.24 -29.94 10.79
C GLU A 91 -12.36 -29.64 12.28
N LYS A 92 -12.51 -30.70 13.10
CA LYS A 92 -12.49 -30.53 14.55
C LYS A 92 -11.08 -30.36 15.11
N GLU A 93 -10.06 -30.84 14.39
CA GLU A 93 -8.69 -30.54 14.78
C GLU A 93 -8.33 -29.09 14.47
N ASN A 94 -8.84 -28.57 13.35
CA ASN A 94 -8.66 -27.15 13.05
C ASN A 94 -9.29 -26.29 14.14
N LYS A 95 -10.43 -26.72 14.68
CA LYS A 95 -11.10 -25.98 15.73
C LYS A 95 -10.27 -26.02 17.02
N GLU A 96 -9.65 -27.17 17.29
CA GLU A 96 -8.79 -27.24 18.48
C GLU A 96 -7.55 -26.38 18.31
N LEU A 97 -7.05 -26.26 17.09
CA LEU A 97 -5.90 -25.40 16.85
C LEU A 97 -6.23 -23.93 17.13
N GLU A 98 -7.40 -23.45 16.66
CA GLU A 98 -7.83 -22.09 16.98
C GLU A 98 -7.97 -21.90 18.48
N ASN A 99 -8.52 -22.90 19.16
CA ASN A 99 -8.68 -22.78 20.61
C ASN A 99 -7.33 -22.64 21.30
N LEU A 100 -6.32 -23.39 20.84
CA LEU A 100 -5.00 -23.26 21.44
C LEU A 100 -4.36 -21.92 21.09
N GLU A 101 -4.50 -21.48 19.84
CA GLU A 101 -3.99 -20.17 19.49
C GLU A 101 -4.58 -19.10 20.41
N ILE A 102 -5.91 -19.12 20.56
CA ILE A 102 -6.57 -18.16 21.45
C ILE A 102 -5.99 -18.23 22.84
N ASN A 103 -5.92 -19.44 23.42
CA ASN A 103 -5.41 -19.57 24.78
C ASN A 103 -3.97 -19.10 24.90
N LEU A 104 -3.15 -19.27 23.84
CA LEU A 104 -1.79 -18.76 23.89
C LEU A 104 -1.79 -17.24 23.98
N ARG A 105 -2.69 -16.57 23.28
CA ARG A 105 -2.77 -15.13 23.43
C ARG A 105 -3.34 -14.74 24.79
N LYS A 106 -4.27 -15.54 25.35
CA LYS A 106 -4.78 -15.24 26.69
C LYS A 106 -3.68 -15.37 27.74
N GLU A 107 -2.73 -16.28 27.55
CA GLU A 107 -1.60 -16.39 28.48
C GLU A 107 -0.79 -15.11 28.48
N ILE A 108 -0.55 -14.54 27.32
CA ILE A 108 0.25 -13.33 27.27
C ILE A 108 -0.53 -12.17 27.87
N ALA A 109 -1.81 -12.02 27.49
CA ALA A 109 -2.58 -10.86 27.94
C ALA A 109 -2.78 -10.89 29.45
N LYS A 110 -3.12 -12.06 30.00
CA LYS A 110 -3.32 -12.17 31.45
C LYS A 110 -2.02 -11.88 32.22
N ALA A 111 -0.87 -12.32 31.67
CA ALA A 111 0.41 -12.01 32.30
C ALA A 111 0.63 -10.51 32.46
N PHE A 112 0.20 -9.71 31.47
CA PHE A 112 0.28 -8.27 31.66
C PHE A 112 -0.82 -7.78 32.60
N LYS A 113 -2.08 -8.10 32.27
CA LYS A 113 -3.24 -7.55 32.96
C LYS A 113 -3.43 -8.08 34.38
N GLY A 114 -2.73 -9.15 34.76
CA GLY A 114 -2.85 -9.68 36.10
C GLY A 114 -2.01 -8.97 37.11
N ASN A 115 -1.12 -8.11 36.64
CA ASN A 115 -0.29 -7.29 37.51
C ASN A 115 -1.16 -6.33 38.31
N GLU A 116 -0.84 -6.15 39.59
CA GLU A 116 -1.60 -5.22 40.43
C GLU A 116 -1.60 -3.81 39.86
N GLY A 117 -0.50 -3.41 39.22
CA GLY A 117 -0.36 -2.06 38.76
C GLY A 117 -0.96 -1.77 37.41
N TYR A 118 -1.52 -2.79 36.75
CA TYR A 118 -1.91 -2.62 35.35
C TYR A 118 -2.83 -1.42 35.17
N LYS A 119 -3.93 -1.36 35.94
CA LYS A 119 -4.90 -0.28 35.76
C LYS A 119 -4.24 1.09 35.88
N SER A 120 -3.33 1.26 36.83
CA SER A 120 -2.68 2.55 37.06
C SER A 120 -1.78 2.98 35.90
N LEU A 121 -1.41 2.06 35.00
CA LEU A 121 -0.63 2.47 33.83
C LEU A 121 -1.40 3.36 32.86
N PHE A 122 -2.73 3.49 32.98
CA PHE A 122 -3.52 4.25 32.03
C PHE A 122 -4.39 5.30 32.71
N LYS A 123 -4.06 5.67 33.95
CA LYS A 123 -4.68 6.77 34.68
C LYS A 123 -3.60 7.79 35.01
N LYS A 124 -4.00 8.87 35.71
CA LYS A 124 -3.05 9.92 36.05
C LYS A 124 -1.90 9.41 36.90
N ASP A 125 -2.08 8.28 37.58
CA ASP A 125 -1.03 7.72 38.43
C ASP A 125 0.29 7.58 37.68
N ILE A 126 0.24 7.21 36.39
CA ILE A 126 1.50 6.95 35.70
C ILE A 126 2.27 8.24 35.50
N ILE A 127 1.58 9.35 35.21
CA ILE A 127 2.28 10.63 35.05
C ILE A 127 2.64 11.23 36.39
N GLU A 128 1.72 11.16 37.37
CA GLU A 128 1.91 11.88 38.63
C GLU A 128 2.94 11.21 39.52
N THR A 129 2.94 9.87 39.59
CA THR A 129 3.75 9.13 40.54
C THR A 129 4.69 8.13 39.88
N ILE A 130 4.17 7.26 39.01
CA ILE A 130 4.94 6.08 38.61
C ILE A 130 6.14 6.50 37.76
N LEU A 131 5.90 7.23 36.69
CA LEU A 131 7.00 7.62 35.81
C LEU A 131 8.06 8.47 36.51
N PRO A 132 7.72 9.45 37.37
CA PRO A 132 8.79 10.21 38.04
C PRO A 132 9.66 9.35 38.96
N GLU A 133 9.08 8.38 39.68
CA GLU A 133 9.91 7.50 40.50
C GLU A 133 10.77 6.58 39.66
N PHE A 134 10.28 6.18 38.50
CA PHE A 134 11.05 5.37 37.56
C PHE A 134 12.23 6.13 36.98
N LEU A 135 12.07 7.44 36.76
CA LEU A 135 13.08 8.25 36.10
C LEU A 135 14.14 8.71 37.11
N ASP A 136 15.27 9.16 36.56
CA ASP A 136 16.44 9.48 37.37
C ASP A 136 17.08 10.80 36.95
N ASP A 137 16.45 11.55 36.05
CA ASP A 137 17.03 12.74 35.46
C ASP A 137 16.15 13.93 35.82
N LYS A 138 16.74 14.92 36.50
CA LYS A 138 15.99 16.06 37.00
C LYS A 138 15.18 16.74 35.89
N ASP A 139 15.75 16.85 34.69
CA ASP A 139 15.06 17.54 33.60
C ASP A 139 13.94 16.70 32.99
N GLU A 140 14.17 15.40 32.81
CA GLU A 140 13.09 14.53 32.35
C GLU A 140 11.94 14.55 33.33
N ILE A 141 12.24 14.42 34.63
CA ILE A 141 11.21 14.43 35.65
C ILE A 141 10.44 15.74 35.62
N ALA A 142 11.12 16.86 35.35
CA ALA A 142 10.41 18.13 35.33
C ALA A 142 9.51 18.26 34.10
N LEU A 143 9.96 17.73 32.95
CA LEU A 143 9.08 17.68 31.78
C LEU A 143 7.78 16.94 32.09
N VAL A 144 7.90 15.80 32.78
CA VAL A 144 6.71 15.03 33.16
C VAL A 144 5.85 15.84 34.13
N ASN A 145 6.47 16.40 35.18
CA ASN A 145 5.71 17.15 36.18
C ASN A 145 4.89 18.28 35.55
N SER A 146 5.38 18.87 34.47
CA SER A 146 4.67 19.97 33.82
C SER A 146 3.30 19.55 33.26
N PHE A 147 2.98 18.25 33.20
CA PHE A 147 1.65 17.83 32.78
C PHE A 147 0.75 17.43 33.94
N ASN A 148 1.19 17.60 35.19
CA ASN A 148 0.25 17.54 36.32
C ASN A 148 -0.92 18.50 36.08
N GLY A 149 -2.13 18.00 36.31
CA GLY A 149 -3.33 18.77 36.00
C GLY A 149 -3.72 18.78 34.54
N PHE A 150 -3.00 18.06 33.69
CA PHE A 150 -3.28 17.99 32.25
C PHE A 150 -3.30 16.55 31.74
N THR A 151 -3.44 15.55 32.61
CA THR A 151 -3.31 14.17 32.17
C THR A 151 -4.48 13.73 31.29
N THR A 152 -5.62 14.41 31.39
CA THR A 152 -6.73 14.15 30.48
C THR A 152 -6.30 14.26 29.01
N ALA A 153 -5.26 15.05 28.74
CA ALA A 153 -4.75 15.20 27.37
C ALA A 153 -4.15 13.90 26.82
N PHE A 154 -3.95 12.87 27.65
CA PHE A 154 -3.33 11.61 27.25
C PHE A 154 -4.34 10.49 27.07
N THR A 155 -5.64 10.78 27.14
CA THR A 155 -6.65 9.73 27.16
C THR A 155 -6.57 8.86 25.91
N GLY A 156 -6.36 9.47 24.75
CA GLY A 156 -6.18 8.70 23.52
C GLY A 156 -4.90 7.89 23.50
N PHE A 157 -3.77 8.51 23.81
CA PHE A 157 -2.52 7.79 23.94
C PHE A 157 -2.63 6.62 24.91
N PHE A 158 -3.42 6.77 25.98
CA PHE A 158 -3.60 5.65 26.90
C PHE A 158 -4.41 4.54 26.25
N ASP A 159 -5.30 4.89 25.32
CA ASP A 159 -6.00 3.85 24.55
C ASP A 159 -5.06 3.16 23.57
N ASN A 160 -4.18 3.93 22.89
CA ASN A 160 -3.22 3.29 21.98
C ASN A 160 -2.31 2.32 22.73
N ARG A 161 -1.93 2.65 23.98
CA ARG A 161 -1.07 1.76 24.75
C ARG A 161 -1.87 0.56 25.27
N GLU A 162 -3.11 0.79 25.69
CA GLU A 162 -3.96 -0.30 26.15
C GLU A 162 -4.16 -1.35 25.06
N ASN A 163 -4.34 -0.91 23.81
CA ASN A 163 -4.43 -1.84 22.67
C ASN A 163 -3.30 -2.86 22.64
N MET A 164 -2.13 -2.49 23.14
CA MET A 164 -0.99 -3.39 23.07
C MET A 164 -1.21 -4.66 23.88
N PHE A 165 -2.09 -4.61 24.89
CA PHE A 165 -2.24 -5.68 25.86
C PHE A 165 -3.51 -6.50 25.63
N SER A 166 -4.19 -6.26 24.52
CA SER A 166 -5.36 -7.05 24.18
C SER A 166 -4.99 -8.51 23.96
N GLU A 167 -5.96 -9.38 24.22
CA GLU A 167 -5.82 -10.81 23.96
C GLU A 167 -6.35 -11.21 22.60
N GLU A 168 -6.98 -10.28 21.88
CA GLU A 168 -7.67 -10.60 20.65
C GLU A 168 -6.70 -10.58 19.48
N ALA A 169 -7.08 -11.29 18.42
CA ALA A 169 -6.27 -11.33 17.21
C ALA A 169 -6.34 -9.99 16.47
N LYS A 170 -5.81 -8.94 17.08
CA LYS A 170 -5.90 -7.59 16.53
C LYS A 170 -4.50 -7.07 16.28
N SER A 171 -4.36 -6.34 15.17
CA SER A 171 -3.04 -6.11 14.57
C SER A 171 -2.09 -5.40 15.53
N THR A 172 -2.61 -4.48 16.38
CA THR A 172 -1.75 -3.74 17.29
C THR A 172 -1.43 -4.47 18.61
N SER A 173 -1.88 -5.70 18.78
CA SER A 173 -1.68 -6.40 20.05
C SER A 173 -0.30 -7.07 20.13
N ILE A 174 0.32 -6.99 21.31
CA ILE A 174 1.56 -7.74 21.57
C ILE A 174 1.33 -9.24 21.36
N ALA A 175 0.25 -9.77 21.91
CA ALA A 175 -0.03 -11.20 21.80
C ALA A 175 -0.22 -11.61 20.34
N PHE A 176 -0.89 -10.76 19.56
CA PHE A 176 -1.07 -11.06 18.15
C PHE A 176 0.28 -11.11 17.44
N ARG A 177 1.16 -10.15 17.75
CA ARG A 177 2.52 -10.17 17.19
C ARG A 177 3.25 -11.44 17.61
N CYS A 178 3.10 -11.88 18.87
CA CYS A 178 3.83 -13.05 19.35
C CYS A 178 3.30 -14.34 18.73
N ILE A 179 1.99 -14.55 18.78
CA ILE A 179 1.39 -15.85 18.50
C ILE A 179 0.96 -15.95 17.05
N ASN A 180 0.24 -14.95 16.54
CA ASN A 180 -0.27 -15.07 15.18
C ASN A 180 0.83 -14.89 14.14
N GLU A 181 1.77 -13.98 14.38
CA GLU A 181 2.77 -13.65 13.37
C GLU A 181 4.11 -14.32 13.64
N ASN A 182 4.72 -14.07 14.80
CA ASN A 182 6.08 -14.57 14.98
C ASN A 182 6.11 -16.08 15.27
N LEU A 183 5.17 -16.59 16.08
CA LEU A 183 5.15 -18.04 16.29
C LEU A 183 4.86 -18.78 14.99
N THR A 184 4.11 -18.18 14.07
CA THR A 184 3.82 -18.84 12.81
C THR A 184 5.06 -18.93 11.93
N ARG A 185 5.86 -17.86 11.90
CA ARG A 185 7.11 -17.88 11.14
C ARG A 185 8.15 -18.79 11.78
N TYR A 186 8.21 -18.80 13.11
CA TYR A 186 9.15 -19.69 13.82
C TYR A 186 8.87 -21.16 13.49
N ILE A 187 7.59 -21.51 13.38
CA ILE A 187 7.22 -22.90 13.11
C ILE A 187 7.47 -23.24 11.65
N SER A 188 7.13 -22.33 10.73
CA SER A 188 7.50 -22.57 9.33
C SER A 188 9.00 -22.73 9.17
N ASN A 189 9.78 -21.93 9.92
CA ASN A 189 11.23 -22.01 9.85
C ASN A 189 11.77 -23.33 10.41
N MET A 190 11.15 -23.89 11.46
CA MET A 190 11.52 -25.21 11.94
C MET A 190 11.45 -26.25 10.82
N ASP A 191 10.36 -26.26 10.06
CA ASP A 191 10.22 -27.20 8.95
C ASP A 191 11.30 -26.99 7.90
N ILE A 192 11.57 -25.73 7.56
CA ILE A 192 12.64 -25.45 6.61
C ILE A 192 13.99 -25.91 7.16
N PHE A 193 14.20 -25.76 8.47
CA PHE A 193 15.46 -26.21 9.05
C PHE A 193 15.62 -27.72 8.94
N GLU A 194 14.54 -28.48 9.15
CA GLU A 194 14.63 -29.93 9.05
C GLU A 194 14.88 -30.39 7.61
N LYS A 195 14.46 -29.60 6.62
CA LYS A 195 14.78 -29.91 5.23
C LYS A 195 16.24 -29.58 4.92
N VAL A 196 16.63 -28.30 5.10
CA VAL A 196 17.94 -27.83 4.64
C VAL A 196 19.05 -28.06 5.66
N ASP A 197 18.76 -28.73 6.77
CA ASP A 197 19.74 -28.90 7.85
C ASP A 197 21.15 -29.23 7.38
N ALA A 198 21.28 -30.27 6.54
CA ALA A 198 22.55 -30.90 6.21
C ALA A 198 23.42 -30.10 5.23
N ILE A 199 22.88 -29.05 4.62
CA ILE A 199 23.65 -28.20 3.72
C ILE A 199 24.83 -27.52 4.45
N PHE A 200 24.71 -27.27 5.76
CA PHE A 200 25.69 -26.47 6.48
C PHE A 200 26.79 -27.35 7.05
N ASP A 201 28.05 -26.90 6.95
CA ASP A 201 29.15 -27.70 7.48
C ASP A 201 29.56 -27.19 8.87
N LYS A 202 30.41 -27.97 9.53
CA LYS A 202 30.73 -27.70 10.93
C LYS A 202 31.31 -26.31 11.12
N HIS A 203 32.07 -25.82 10.14
CA HIS A 203 32.75 -24.53 10.30
C HIS A 203 31.76 -23.39 10.26
N GLU A 204 30.81 -23.44 9.33
CA GLU A 204 29.83 -22.35 9.23
C GLU A 204 28.92 -22.31 10.45
N VAL A 205 28.49 -23.48 10.93
CA VAL A 205 27.62 -23.54 12.11
C VAL A 205 28.38 -23.10 13.36
N GLN A 206 29.68 -23.39 13.42
CA GLN A 206 30.49 -22.96 14.56
C GLN A 206 30.75 -21.46 14.51
N GLU A 207 30.93 -20.91 13.30
CA GLU A 207 31.09 -19.46 13.20
C GLU A 207 29.87 -18.72 13.72
N ILE A 208 28.67 -19.16 13.35
CA ILE A 208 27.46 -18.48 13.83
C ILE A 208 27.32 -18.63 15.33
N LYS A 209 27.62 -19.82 15.86
CA LYS A 209 27.60 -20.02 17.30
C LYS A 209 28.51 -19.03 18.02
N GLU A 210 29.73 -18.79 17.49
CA GLU A 210 30.71 -17.94 18.15
C GLU A 210 30.38 -16.45 18.00
N LYS A 211 30.13 -16.02 16.76
CA LYS A 211 29.98 -14.60 16.47
C LYS A 211 28.56 -14.09 16.69
N ILE A 212 27.57 -14.97 16.77
CA ILE A 212 26.18 -14.54 16.86
C ILE A 212 25.53 -15.08 18.13
N LEU A 213 25.95 -16.25 18.58
CA LEU A 213 25.27 -16.90 19.70
C LEU A 213 26.07 -16.84 20.98
N ASN A 214 27.17 -16.08 21.01
CA ASN A 214 27.96 -15.91 22.22
C ASN A 214 28.43 -17.23 22.80
N SER A 215 28.54 -18.25 21.95
CA SER A 215 28.95 -19.61 22.33
C SER A 215 28.07 -20.21 23.43
N ASP A 216 26.87 -19.68 23.62
CA ASP A 216 25.95 -20.16 24.65
C ASP A 216 24.87 -21.06 24.10
N TYR A 217 24.79 -21.21 22.78
CA TYR A 217 23.75 -22.02 22.16
C TYR A 217 24.28 -22.62 20.87
N ASP A 218 23.64 -23.71 20.43
CA ASP A 218 23.86 -24.25 19.10
C ASP A 218 22.79 -23.71 18.18
N VAL A 219 23.11 -23.63 16.88
CA VAL A 219 22.19 -23.02 15.92
C VAL A 219 20.87 -23.78 15.88
N GLU A 220 20.91 -25.10 16.01
CA GLU A 220 19.72 -25.93 15.92
C GLU A 220 18.77 -25.75 17.10
N ASP A 221 19.22 -25.14 18.20
CA ASP A 221 18.31 -24.87 19.32
C ASP A 221 17.20 -23.93 18.91
N PHE A 222 17.48 -22.99 18.03
CA PHE A 222 16.48 -22.01 17.66
C PHE A 222 15.51 -22.54 16.61
N PHE A 223 15.51 -23.87 16.41
CA PHE A 223 14.57 -24.50 15.50
C PHE A 223 13.84 -25.65 16.17
N GLU A 224 13.75 -25.56 17.49
CA GLU A 224 12.98 -26.48 18.32
C GLU A 224 11.94 -25.68 19.09
N GLY A 225 10.79 -26.32 19.35
CA GLY A 225 9.65 -25.59 19.89
C GLY A 225 9.88 -24.98 21.26
N GLU A 226 10.72 -25.60 22.08
CA GLU A 226 10.86 -25.12 23.46
C GLU A 226 11.71 -23.87 23.57
N PHE A 227 12.34 -23.44 22.48
CA PHE A 227 13.16 -22.25 22.48
C PHE A 227 12.42 -20.99 22.08
N PHE A 228 11.14 -21.12 21.72
CA PHE A 228 10.42 -19.97 21.18
C PHE A 228 10.27 -18.86 22.20
N ASN A 229 10.22 -19.21 23.50
CA ASN A 229 10.15 -18.20 24.54
C ASN A 229 11.34 -17.23 24.46
N PHE A 230 12.49 -17.71 23.95
CA PHE A 230 13.68 -16.87 23.79
C PHE A 230 13.45 -15.71 22.84
N VAL A 231 12.41 -15.78 22.03
CA VAL A 231 12.22 -14.94 20.88
C VAL A 231 11.02 -14.00 21.07
N LEU A 232 10.52 -13.89 22.30
CA LEU A 232 9.43 -12.99 22.61
C LEU A 232 9.89 -11.54 22.74
N THR A 233 11.14 -11.31 23.14
CA THR A 233 11.65 -9.95 23.30
C THR A 233 12.54 -9.61 22.13
N GLN A 234 12.66 -8.30 21.87
CA GLN A 234 13.47 -7.82 20.76
C GLN A 234 14.90 -8.37 20.83
N GLU A 235 15.43 -8.51 22.05
CA GLU A 235 16.80 -8.97 22.18
C GLU A 235 16.98 -10.36 21.58
N GLY A 236 16.01 -11.24 21.78
CA GLY A 236 16.09 -12.55 21.17
C GLY A 236 15.69 -12.56 19.72
N ILE A 237 14.79 -11.66 19.31
CA ILE A 237 14.46 -11.57 17.89
C ILE A 237 15.69 -11.16 17.08
N ASP A 238 16.47 -10.21 17.59
CA ASP A 238 17.68 -9.79 16.90
C ASP A 238 18.64 -10.97 16.71
N VAL A 239 18.87 -11.76 17.78
CA VAL A 239 19.79 -12.89 17.69
C VAL A 239 19.31 -13.89 16.67
N TYR A 240 18.02 -14.25 16.74
CA TYR A 240 17.43 -15.21 15.81
C TYR A 240 17.51 -14.71 14.38
N ASN A 241 17.21 -13.43 14.14
CA ASN A 241 17.30 -12.89 12.78
C ASN A 241 18.75 -12.78 12.31
N ALA A 242 19.69 -12.64 13.25
CA ALA A 242 21.10 -12.67 12.87
C ALA A 242 21.52 -14.08 12.43
N ILE A 243 21.05 -15.12 13.13
CA ILE A 243 21.26 -16.49 12.66
C ILE A 243 20.88 -16.61 11.19
N ILE A 244 19.76 -15.99 10.81
CA ILE A 244 19.24 -16.14 9.46
C ILE A 244 19.98 -15.24 8.48
N GLY A 245 20.28 -14.01 8.89
CA GLY A 245 20.76 -13.03 7.95
C GLY A 245 22.18 -12.56 8.12
N GLY A 246 22.84 -12.99 9.19
CA GLY A 246 24.17 -12.51 9.49
C GLY A 246 24.17 -11.08 10.01
N PHE A 247 25.38 -10.51 10.06
CA PHE A 247 25.60 -9.16 10.55
C PHE A 247 26.94 -8.67 10.00
N VAL A 248 27.16 -7.37 10.11
CA VAL A 248 28.34 -6.66 9.61
C VAL A 248 29.17 -6.21 10.81
N THR A 249 30.46 -6.61 10.84
CA THR A 249 31.34 -6.31 11.96
C THR A 249 31.88 -4.87 11.88
N GLU A 250 32.60 -4.46 12.95
CA GLU A 250 33.22 -3.14 12.98
C GLU A 250 34.23 -2.96 11.84
N SER A 251 34.92 -4.03 11.45
CA SER A 251 35.85 -3.96 10.33
C SER A 251 35.16 -3.88 8.96
N GLY A 252 33.87 -4.22 8.88
CA GLY A 252 33.17 -4.24 7.62
C GLY A 252 32.87 -5.62 7.10
N GLU A 253 33.42 -6.66 7.73
CA GLU A 253 33.14 -8.04 7.34
C GLU A 253 31.66 -8.35 7.47
N LYS A 254 31.10 -8.98 6.43
CA LYS A 254 29.73 -9.49 6.43
C LYS A 254 29.78 -10.96 6.82
N ILE A 255 29.35 -11.26 8.05
CA ILE A 255 29.25 -12.64 8.51
C ILE A 255 27.95 -13.23 7.97
N LYS A 256 28.02 -14.47 7.51
CA LYS A 256 26.96 -15.07 6.73
C LYS A 256 25.91 -15.72 7.65
N GLY A 257 24.64 -15.43 7.36
CA GLY A 257 23.55 -16.16 7.97
C GLY A 257 23.12 -17.37 7.15
N LEU A 258 22.18 -18.12 7.72
CA LEU A 258 21.75 -19.37 7.11
C LEU A 258 21.19 -19.14 5.71
N ASN A 259 20.48 -18.02 5.51
CA ASN A 259 19.89 -17.77 4.21
C ASN A 259 20.93 -17.50 3.15
N GLU A 260 22.06 -16.88 3.52
CA GLU A 260 23.16 -16.69 2.58
C GLU A 260 23.78 -18.01 2.19
N TYR A 261 24.01 -18.88 3.18
CA TYR A 261 24.54 -20.20 2.88
C TYR A 261 23.58 -21.00 2.01
N ILE A 262 22.28 -20.99 2.35
CA ILE A 262 21.30 -21.67 1.51
C ILE A 262 21.36 -21.16 0.07
N ASN A 263 21.43 -19.84 -0.11
CA ASN A 263 21.53 -19.27 -1.45
C ASN A 263 22.79 -19.74 -2.16
N LEU A 264 23.95 -19.61 -1.51
CA LEU A 264 25.22 -20.02 -2.10
C LEU A 264 25.13 -21.45 -2.63
N TYR A 265 24.62 -22.36 -1.81
CA TYR A 265 24.46 -23.74 -2.22
C TYR A 265 23.52 -23.87 -3.41
N ASN A 266 22.39 -23.15 -3.39
CA ASN A 266 21.47 -23.18 -4.52
C ASN A 266 22.14 -22.70 -5.79
N GLN A 267 22.92 -21.63 -5.72
CA GLN A 267 23.55 -21.10 -6.91
C GLN A 267 24.68 -22.00 -7.39
N LYS A 268 25.17 -22.89 -6.53
CA LYS A 268 26.28 -23.78 -6.86
C LYS A 268 25.78 -25.09 -7.46
N THR A 269 24.73 -25.67 -6.88
CA THR A 269 24.15 -26.91 -7.38
C THR A 269 23.04 -26.67 -8.38
N LYS A 270 22.77 -25.42 -8.74
CA LYS A 270 21.63 -25.03 -9.58
C LYS A 270 20.29 -25.54 -9.02
N GLN A 271 20.24 -25.82 -7.72
CA GLN A 271 19.03 -26.26 -7.03
C GLN A 271 18.23 -25.05 -6.55
N LYS A 272 17.18 -25.31 -5.76
CA LYS A 272 16.26 -24.25 -5.36
C LYS A 272 15.68 -24.55 -3.97
N LEU A 273 16.56 -24.81 -3.00
CA LEU A 273 16.13 -25.07 -1.62
C LEU A 273 15.46 -23.83 -1.01
N PRO A 274 14.51 -24.02 -0.11
CA PRO A 274 13.78 -22.86 0.44
C PRO A 274 14.58 -22.14 1.51
N LYS A 275 14.26 -20.85 1.68
CA LYS A 275 14.97 -19.98 2.62
C LYS A 275 14.08 -19.63 3.82
N PHE A 276 14.74 -19.22 4.91
CA PHE A 276 14.08 -18.90 6.18
C PHE A 276 13.43 -17.54 6.14
N LYS A 277 12.35 -17.36 6.98
CA LYS A 277 11.71 -16.04 7.12
C LYS A 277 12.17 -15.37 8.41
N PRO A 278 12.58 -14.10 8.40
CA PRO A 278 12.93 -13.41 9.65
C PRO A 278 11.68 -13.01 10.44
N LEU A 279 11.82 -12.96 11.77
CA LEU A 279 10.70 -12.56 12.61
C LEU A 279 10.51 -11.04 12.61
N TYR A 280 9.26 -10.63 12.78
CA TYR A 280 8.88 -9.22 12.92
C TYR A 280 9.34 -8.65 14.26
N LYS A 281 9.37 -7.31 14.36
CA LYS A 281 9.87 -6.68 15.57
C LYS A 281 8.86 -6.82 16.71
N GLN A 282 9.36 -6.73 17.95
CA GLN A 282 8.44 -6.71 19.07
CA GLN A 282 8.52 -6.68 19.14
C GLN A 282 7.86 -5.31 19.22
N VAL A 283 6.56 -5.27 19.49
CA VAL A 283 5.87 -3.99 19.65
C VAL A 283 6.61 -3.13 20.66
N LEU A 284 6.80 -1.85 20.33
CA LEU A 284 7.34 -0.81 21.20
C LEU A 284 8.83 -0.98 21.49
N SER A 285 9.50 -1.93 20.86
CA SER A 285 10.93 -2.06 21.10
C SER A 285 11.67 -0.89 20.45
N ASP A 286 12.79 -0.51 21.07
CA ASP A 286 13.71 0.48 20.52
C ASP A 286 14.83 -0.32 19.87
N ARG A 287 14.76 -0.47 18.55
CA ARG A 287 15.68 -1.36 17.84
C ARG A 287 17.05 -0.71 17.65
N GLU A 288 18.11 -1.50 17.94
CA GLU A 288 19.49 -1.17 17.62
C GLU A 288 20.10 -2.35 16.86
N SER A 289 20.56 -2.08 15.64
CA SER A 289 21.03 -3.16 14.77
C SER A 289 22.25 -3.87 15.36
N LEU A 290 22.36 -5.17 15.06
CA LEU A 290 23.56 -5.92 15.40
C LEU A 290 24.69 -5.70 14.40
N SER A 291 24.43 -5.06 13.26
CA SER A 291 25.47 -4.74 12.31
C SER A 291 26.01 -3.35 12.61
N PHE A 292 27.30 -3.18 12.39
CA PHE A 292 27.95 -1.89 12.56
C PHE A 292 27.86 -1.07 11.29
N TYR A 293 27.51 0.20 11.43
CA TYR A 293 27.47 1.14 10.33
C TYR A 293 28.06 2.44 10.81
N GLY A 294 29.03 2.96 10.07
CA GLY A 294 29.78 4.12 10.52
C GLY A 294 28.92 5.34 10.75
N GLU A 295 29.50 6.29 11.48
CA GLU A 295 28.82 7.53 11.79
C GLU A 295 28.75 8.41 10.55
N GLY A 296 27.58 9.02 10.34
CA GLY A 296 27.34 9.87 9.19
C GLY A 296 27.63 11.34 9.46
N TYR A 297 26.90 12.20 8.75
CA TYR A 297 27.07 13.65 8.82
C TYR A 297 25.79 14.30 9.34
N THR A 298 25.94 15.51 9.89
CA THR A 298 24.85 16.16 10.60
C THR A 298 24.60 17.61 10.20
N SER A 299 25.38 18.15 9.27
CA SER A 299 25.25 19.56 8.92
C SER A 299 25.74 19.76 7.50
N ASP A 300 25.20 20.78 6.83
CA ASP A 300 25.74 21.15 5.52
C ASP A 300 27.20 21.53 5.60
N GLU A 301 27.56 22.40 6.55
CA GLU A 301 28.94 22.87 6.65
C GLU A 301 29.91 21.70 6.73
N GLU A 302 29.52 20.67 7.48
CA GLU A 302 30.38 19.50 7.64
C GLU A 302 30.53 18.72 6.33
N VAL A 303 29.44 18.60 5.56
CA VAL A 303 29.47 17.89 4.28
C VAL A 303 30.40 18.61 3.30
N LEU A 304 30.45 19.94 3.36
CA LEU A 304 31.33 20.70 2.48
C LEU A 304 32.79 20.65 2.94
N GLU A 305 33.02 20.67 4.27
CA GLU A 305 34.40 20.58 4.75
C GLU A 305 34.99 19.21 4.46
N VAL A 306 34.20 18.15 4.63
CA VAL A 306 34.67 16.80 4.31
C VAL A 306 34.87 16.66 2.80
N PHE A 307 33.94 17.17 1.99
CA PHE A 307 34.08 17.07 0.54
C PHE A 307 35.35 17.74 0.04
N ARG A 308 35.76 18.85 0.66
CA ARG A 308 36.97 19.53 0.20
C ARG A 308 38.23 18.86 0.71
N ASN A 309 38.29 18.56 2.02
CA ASN A 309 39.48 17.94 2.61
C ASN A 309 39.86 16.66 1.91
N THR A 310 38.87 15.90 1.44
CA THR A 310 39.09 14.54 0.96
C THR A 310 39.09 14.41 -0.56
N LEU A 311 38.79 15.48 -1.29
CA LEU A 311 38.59 15.37 -2.73
C LEU A 311 39.17 16.52 -3.54
N ASN A 312 39.83 17.49 -2.93
CA ASN A 312 40.42 18.59 -3.70
C ASN A 312 41.64 18.07 -4.46
N LYS A 313 42.37 18.99 -5.10
CA LYS A 313 43.58 18.62 -5.82
C LYS A 313 44.63 18.03 -4.89
N ASN A 314 45.06 18.80 -3.89
CA ASN A 314 46.17 18.38 -3.04
C ASN A 314 45.74 17.36 -1.98
N SER A 315 44.59 16.73 -2.20
CA SER A 315 44.04 15.83 -1.20
C SER A 315 44.63 14.42 -1.35
N GLU A 316 44.35 13.59 -0.35
CA GLU A 316 44.90 12.24 -0.30
C GLU A 316 44.37 11.40 -1.46
N ILE A 317 43.03 11.23 -1.51
CA ILE A 317 42.40 10.32 -2.45
C ILE A 317 42.72 10.68 -3.91
N PHE A 318 42.80 11.98 -4.19
CA PHE A 318 43.20 12.42 -5.53
C PHE A 318 44.59 11.91 -5.88
N SER A 319 45.58 12.16 -5.01
CA SER A 319 46.97 11.85 -5.33
C SER A 319 47.19 10.38 -5.67
N SER A 320 46.29 9.49 -5.25
CA SER A 320 46.38 8.08 -5.65
C SER A 320 45.77 7.84 -7.01
N ILE A 321 44.70 8.57 -7.36
CA ILE A 321 44.26 8.57 -8.75
C ILE A 321 45.40 9.03 -9.65
N LYS A 322 46.12 10.07 -9.23
CA LYS A 322 47.28 10.53 -9.98
C LYS A 322 48.38 9.47 -9.99
N LYS A 323 48.50 8.69 -8.92
CA LYS A 323 49.49 7.60 -8.86
C LYS A 323 49.10 6.45 -9.76
N LEU A 324 47.91 5.86 -9.52
CA LEU A 324 47.41 4.76 -10.32
C LEU A 324 47.39 5.09 -11.81
N GLU A 325 47.19 6.36 -12.16
CA GLU A 325 47.24 6.78 -13.56
C GLU A 325 48.64 6.59 -14.13
N LYS A 326 49.62 7.27 -13.52
CA LYS A 326 51.01 7.14 -13.97
C LYS A 326 51.51 5.71 -13.79
N LEU A 327 50.94 4.97 -12.83
CA LEU A 327 51.30 3.56 -12.68
C LEU A 327 50.83 2.75 -13.88
N PHE A 328 49.55 2.90 -14.26
CA PHE A 328 49.01 2.15 -15.38
C PHE A 328 49.54 2.67 -16.72
N LYS A 329 49.89 3.96 -16.80
CA LYS A 329 50.57 4.48 -17.98
C LYS A 329 51.99 3.95 -18.14
N ASN A 330 52.45 3.09 -17.24
CA ASN A 330 53.77 2.46 -17.31
C ASN A 330 53.67 0.97 -17.03
N PHE A 331 52.57 0.35 -17.47
CA PHE A 331 52.37 -1.10 -17.34
C PHE A 331 53.56 -1.93 -17.84
N ASP A 332 54.36 -1.38 -18.75
CA ASP A 332 55.34 -2.15 -19.50
C ASP A 332 56.72 -2.13 -18.84
N GLU A 333 56.76 -2.00 -17.52
CA GLU A 333 57.95 -2.29 -16.73
C GLU A 333 57.75 -3.48 -15.81
N TYR A 334 56.54 -4.05 -15.81
CA TYR A 334 56.14 -5.14 -14.94
C TYR A 334 55.80 -6.36 -15.81
N SER A 335 56.01 -7.56 -15.28
CA SER A 335 55.72 -8.77 -16.05
C SER A 335 54.21 -8.94 -16.22
N SER A 336 53.79 -9.10 -17.48
CA SER A 336 52.41 -9.48 -17.77
C SER A 336 52.03 -10.78 -17.08
N ALA A 337 53.01 -11.62 -16.75
CA ALA A 337 52.77 -12.91 -16.14
C ALA A 337 52.39 -12.82 -14.66
N GLY A 338 52.74 -11.71 -14.00
CA GLY A 338 52.58 -11.59 -12.56
C GLY A 338 51.41 -10.74 -12.08
N ILE A 339 50.79 -10.00 -13.00
CA ILE A 339 49.61 -9.20 -12.70
C ILE A 339 48.37 -10.01 -13.10
N PHE A 340 47.30 -9.88 -12.33
CA PHE A 340 46.25 -10.88 -12.48
C PHE A 340 44.87 -10.30 -12.19
N VAL A 341 43.87 -10.86 -12.88
CA VAL A 341 42.47 -10.44 -12.77
C VAL A 341 41.70 -11.60 -12.16
N LYS A 342 41.29 -11.46 -10.90
CA LYS A 342 40.62 -12.54 -10.17
C LYS A 342 39.40 -13.05 -10.90
N ASN A 343 39.17 -14.37 -10.82
CA ASN A 343 38.13 -15.00 -11.63
C ASN A 343 36.79 -14.87 -10.94
N GLY A 344 36.11 -13.76 -11.23
CA GLY A 344 34.74 -13.58 -10.82
C GLY A 344 34.16 -12.37 -11.51
N PRO A 345 33.58 -11.45 -10.73
CA PRO A 345 33.18 -10.17 -11.31
C PRO A 345 34.34 -9.40 -11.94
N ALA A 346 35.55 -9.51 -11.39
CA ALA A 346 36.69 -8.84 -11.99
C ALA A 346 36.88 -9.25 -13.45
N ILE A 347 36.89 -10.56 -13.72
CA ILE A 347 37.09 -11.03 -15.08
C ILE A 347 35.88 -10.68 -15.98
N SER A 348 34.68 -10.61 -15.40
CA SER A 348 33.52 -10.15 -16.18
C SER A 348 33.66 -8.67 -16.53
N THR A 349 33.97 -7.84 -15.53
CA THR A 349 34.19 -6.42 -15.75
C THR A 349 35.22 -6.17 -16.84
N ILE A 350 36.41 -6.77 -16.69
CA ILE A 350 37.48 -6.61 -17.66
C ILE A 350 37.03 -7.09 -19.04
N SER A 351 36.21 -8.13 -19.09
CA SER A 351 35.75 -8.63 -20.38
C SER A 351 34.93 -7.58 -21.12
N LYS A 352 34.00 -6.93 -20.41
CA LYS A 352 33.16 -5.92 -21.07
C LYS A 352 33.97 -4.69 -21.48
N ASP A 353 34.98 -4.32 -20.70
CA ASP A 353 35.80 -3.15 -21.00
C ASP A 353 36.85 -3.42 -22.08
N ILE A 354 37.13 -4.68 -22.41
CA ILE A 354 38.13 -5.03 -23.41
C ILE A 354 37.51 -5.61 -24.67
N PHE A 355 36.49 -6.47 -24.51
CA PHE A 355 35.87 -7.15 -25.63
C PHE A 355 34.42 -6.76 -25.84
N GLY A 356 33.93 -5.74 -25.12
CA GLY A 356 32.59 -5.25 -25.28
C GLY A 356 31.54 -5.94 -24.44
N GLU A 357 31.67 -7.24 -24.20
CA GLU A 357 30.66 -8.01 -23.48
C GLU A 357 31.28 -8.79 -22.33
N TRP A 358 30.47 -9.00 -21.28
CA TRP A 358 30.98 -9.60 -20.05
C TRP A 358 31.43 -11.04 -20.24
N ASN A 359 30.86 -11.75 -21.20
CA ASN A 359 31.03 -13.20 -21.30
C ASN A 359 32.09 -13.63 -22.30
N VAL A 360 32.77 -12.70 -22.95
CA VAL A 360 33.67 -13.08 -24.04
C VAL A 360 34.89 -13.86 -23.52
N ILE A 361 35.38 -13.55 -22.32
CA ILE A 361 36.57 -14.23 -21.84
C ILE A 361 36.27 -15.69 -21.51
N ARG A 362 35.15 -15.95 -20.81
CA ARG A 362 34.70 -17.32 -20.60
C ARG A 362 34.48 -18.03 -21.93
N ASP A 363 33.79 -17.37 -22.87
CA ASP A 363 33.58 -17.96 -24.19
C ASP A 363 34.89 -18.35 -24.85
N LYS A 364 35.90 -17.46 -24.84
CA LYS A 364 37.16 -17.80 -25.47
C LYS A 364 37.89 -18.90 -24.71
N TRP A 365 37.73 -18.93 -23.38
CA TRP A 365 38.29 -20.03 -22.60
C TRP A 365 37.58 -21.35 -22.92
N ASN A 366 36.24 -21.34 -22.95
CA ASN A 366 35.48 -22.53 -23.33
C ASN A 366 35.93 -23.08 -24.68
N ALA A 367 36.14 -22.22 -25.67
CA ALA A 367 36.61 -22.70 -26.98
C ALA A 367 37.97 -23.38 -26.87
N GLU A 368 38.82 -22.93 -25.95
CA GLU A 368 40.12 -23.59 -25.86
C GLU A 368 40.02 -24.89 -25.06
N TYR A 369 39.08 -24.97 -24.13
CA TYR A 369 38.74 -26.25 -23.51
C TYR A 369 38.23 -27.24 -24.54
N ASP A 370 37.21 -26.84 -25.32
CA ASP A 370 36.67 -27.71 -26.38
C ASP A 370 37.78 -28.27 -27.26
N ASP A 371 38.83 -27.48 -27.51
CA ASP A 371 39.87 -27.92 -28.44
C ASP A 371 40.59 -29.16 -27.94
N ILE A 372 40.61 -29.39 -26.62
CA ILE A 372 41.24 -30.58 -26.08
C ILE A 372 40.24 -31.71 -25.91
N HIS A 373 39.09 -31.41 -25.32
CA HIS A 373 38.14 -32.42 -24.87
C HIS A 373 37.06 -32.76 -25.89
N LEU A 374 37.38 -32.91 -27.18
CA LEU A 374 36.39 -33.34 -28.19
C LEU A 374 37.06 -34.08 -29.35
N VAL A 380 26.39 -36.43 -24.86
CA VAL A 380 26.77 -36.34 -23.45
C VAL A 380 26.78 -34.88 -23.03
N THR A 381 26.30 -34.00 -23.91
CA THR A 381 26.64 -32.58 -23.86
C THR A 381 26.24 -31.88 -22.57
N GLU A 382 25.33 -32.45 -21.79
CA GLU A 382 25.02 -31.82 -20.51
C GLU A 382 26.04 -32.19 -19.43
N LYS A 383 26.68 -33.35 -19.56
CA LYS A 383 27.81 -33.73 -18.73
C LYS A 383 28.91 -32.67 -18.94
N TYR A 384 29.49 -32.70 -20.14
CA TYR A 384 30.45 -31.74 -20.68
C TYR A 384 30.36 -30.36 -20.04
N GLU A 385 29.37 -29.57 -20.44
CA GLU A 385 29.30 -28.18 -20.01
C GLU A 385 29.26 -28.06 -18.50
N ASP A 386 28.83 -29.11 -17.80
CA ASP A 386 28.89 -29.10 -16.34
C ASP A 386 30.32 -29.29 -15.86
N ASP A 387 31.02 -30.31 -16.39
CA ASP A 387 32.44 -30.48 -16.09
C ASP A 387 33.22 -29.24 -16.50
N ARG A 388 32.96 -28.76 -17.71
CA ARG A 388 33.69 -27.60 -18.21
C ARG A 388 33.39 -26.35 -17.40
N ARG A 389 32.20 -26.25 -16.81
CA ARG A 389 31.94 -25.16 -15.88
C ARG A 389 32.71 -25.37 -14.58
N LYS A 390 32.77 -26.62 -14.10
CA LYS A 390 33.56 -26.94 -12.92
C LYS A 390 35.04 -26.62 -13.16
N SER A 391 35.64 -27.27 -14.17
CA SER A 391 37.04 -27.05 -14.50
C SER A 391 37.37 -25.56 -14.61
N PHE A 392 36.44 -24.76 -15.12
CA PHE A 392 36.66 -23.31 -15.21
C PHE A 392 36.46 -22.61 -13.87
N LYS A 393 35.60 -23.14 -13.00
CA LYS A 393 35.46 -22.53 -11.68
C LYS A 393 36.73 -22.71 -10.86
N LYS A 394 37.46 -23.81 -11.07
CA LYS A 394 38.68 -24.08 -10.30
C LYS A 394 39.80 -23.07 -10.56
N ILE A 395 39.69 -22.21 -11.57
CA ILE A 395 40.72 -21.22 -11.87
C ILE A 395 40.44 -19.95 -11.06
N GLY A 396 41.41 -19.53 -10.25
CA GLY A 396 41.17 -18.41 -9.37
C GLY A 396 41.49 -17.05 -9.97
N SER A 397 42.36 -17.04 -10.97
CA SER A 397 42.93 -15.78 -11.43
C SER A 397 43.45 -15.98 -12.84
N PHE A 398 43.42 -14.91 -13.64
CA PHE A 398 44.01 -14.90 -14.97
C PHE A 398 45.01 -13.76 -15.05
N SER A 399 46.24 -14.07 -15.45
CA SER A 399 47.24 -13.03 -15.62
C SER A 399 46.98 -12.27 -16.92
N LEU A 400 47.54 -11.05 -16.99
CA LEU A 400 47.38 -10.25 -18.19
C LEU A 400 48.07 -10.88 -19.39
N GLU A 401 49.22 -11.54 -19.18
CA GLU A 401 49.83 -12.29 -20.27
C GLU A 401 48.90 -13.39 -20.79
N GLN A 402 48.23 -14.10 -19.88
CA GLN A 402 47.28 -15.12 -20.29
C GLN A 402 46.11 -14.51 -21.05
N LEU A 403 45.64 -13.34 -20.63
CA LEU A 403 44.55 -12.67 -21.32
C LEU A 403 44.95 -12.17 -22.71
N GLN A 404 46.25 -11.92 -22.95
CA GLN A 404 46.69 -11.49 -24.27
C GLN A 404 46.49 -12.58 -25.32
N GLU A 405 46.62 -13.85 -24.91
CA GLU A 405 46.30 -14.98 -25.79
C GLU A 405 44.91 -14.86 -26.39
N TYR A 406 43.98 -14.25 -25.67
CA TYR A 406 42.61 -14.14 -26.16
C TYR A 406 42.41 -12.95 -27.12
N ALA A 407 43.29 -11.96 -27.10
CA ALA A 407 43.14 -10.82 -27.99
C ALA A 407 43.26 -11.25 -29.45
N ASP A 408 42.69 -10.44 -30.34
CA ASP A 408 42.82 -10.64 -31.78
C ASP A 408 43.78 -9.61 -32.37
N ALA A 409 44.60 -10.06 -33.33
CA ALA A 409 45.78 -9.36 -33.82
C ALA A 409 45.73 -7.83 -33.78
N ASP A 410 44.61 -7.24 -34.20
CA ASP A 410 44.49 -5.79 -34.14
C ASP A 410 44.48 -5.29 -32.70
N LEU A 411 44.03 -6.11 -31.76
CA LEU A 411 43.81 -5.73 -30.37
C LEU A 411 44.99 -6.20 -29.52
N SER A 412 45.53 -5.28 -28.71
CA SER A 412 46.43 -5.64 -27.62
C SER A 412 45.77 -5.22 -26.31
N VAL A 413 45.73 -6.15 -25.35
CA VAL A 413 44.96 -5.92 -24.13
C VAL A 413 45.57 -4.80 -23.29
N VAL A 414 46.90 -4.80 -23.19
CA VAL A 414 47.56 -3.82 -22.33
C VAL A 414 47.30 -2.41 -22.83
N GLU A 415 47.52 -2.17 -24.11
CA GLU A 415 47.25 -0.84 -24.67
C GLU A 415 45.77 -0.49 -24.57
N LYS A 416 44.88 -1.48 -24.68
CA LYS A 416 43.47 -1.22 -24.51
C LYS A 416 43.17 -0.83 -23.06
N LEU A 417 43.81 -1.50 -22.10
CA LEU A 417 43.69 -1.09 -20.71
C LEU A 417 44.09 0.36 -20.52
N LYS A 418 45.25 0.75 -21.08
CA LYS A 418 45.74 2.12 -20.93
C LYS A 418 44.68 3.13 -21.33
N GLU A 419 44.10 2.99 -22.53
CA GLU A 419 43.12 3.97 -22.98
C GLU A 419 41.86 3.95 -22.12
N ILE A 420 41.56 2.82 -21.47
CA ILE A 420 40.42 2.79 -20.55
C ILE A 420 40.71 3.64 -19.32
N ILE A 421 41.89 3.45 -18.73
CA ILE A 421 42.22 4.23 -17.54
C ILE A 421 42.51 5.69 -17.90
N ILE A 422 42.90 5.97 -19.16
CA ILE A 422 42.94 7.36 -19.60
C ILE A 422 41.52 7.91 -19.74
N GLN A 423 40.62 7.11 -20.34
CA GLN A 423 39.25 7.55 -20.55
C GLN A 423 38.60 7.98 -19.24
N LYS A 424 38.80 7.20 -18.18
CA LYS A 424 38.14 7.50 -16.91
C LYS A 424 38.78 8.69 -16.21
N VAL A 425 40.10 8.85 -16.32
CA VAL A 425 40.73 9.99 -15.66
C VAL A 425 40.37 11.30 -16.36
N ASP A 426 40.29 11.28 -17.70
CA ASP A 426 39.77 12.44 -18.42
C ASP A 426 38.35 12.75 -17.97
N GLU A 427 37.57 11.72 -17.66
CA GLU A 427 36.24 11.95 -17.11
C GLU A 427 36.30 12.58 -15.73
N ILE A 428 37.30 12.21 -14.93
CA ILE A 428 37.47 12.83 -13.60
C ILE A 428 37.86 14.30 -13.75
N TYR A 429 38.91 14.57 -14.54
CA TYR A 429 39.31 15.95 -14.82
C TYR A 429 38.12 16.80 -15.27
N LYS A 430 37.35 16.30 -16.25
CA LYS A 430 36.23 17.06 -16.77
C LYS A 430 35.30 17.53 -15.66
N VAL A 431 35.04 16.66 -14.70
CA VAL A 431 34.08 17.01 -13.64
C VAL A 431 34.68 18.02 -12.66
N TYR A 432 36.01 18.00 -12.47
CA TYR A 432 36.63 19.03 -11.63
C TYR A 432 36.50 20.42 -12.25
N GLY A 433 36.58 20.49 -13.60
CA GLY A 433 36.38 21.77 -14.27
C GLY A 433 34.99 22.36 -14.05
N SER A 434 34.01 21.51 -13.80
CA SER A 434 32.69 21.94 -13.38
C SER A 434 32.55 22.09 -11.87
N SER A 435 33.61 21.74 -11.12
CA SER A 435 33.62 21.87 -9.67
C SER A 435 34.61 22.93 -9.20
N GLU A 436 35.00 23.87 -10.07
CA GLU A 436 35.94 24.91 -9.70
C GLU A 436 35.41 25.72 -8.51
N LYS A 437 34.22 26.32 -8.66
CA LYS A 437 33.73 27.27 -7.66
C LYS A 437 33.46 26.60 -6.33
N LEU A 438 33.19 25.29 -6.32
CA LEU A 438 32.88 24.61 -5.07
C LEU A 438 34.11 24.46 -4.18
N PHE A 439 35.26 24.15 -4.79
CA PHE A 439 36.48 23.94 -4.00
C PHE A 439 37.07 25.24 -3.48
N ASP A 440 36.64 26.39 -4.00
CA ASP A 440 37.13 27.66 -3.49
C ASP A 440 36.62 27.89 -2.06
N ALA A 441 37.48 28.49 -1.24
CA ALA A 441 37.10 28.76 0.15
C ALA A 441 36.09 29.90 0.24
N ASP A 442 36.16 30.87 -0.68
CA ASP A 442 35.27 32.03 -0.62
C ASP A 442 33.81 31.68 -0.91
N PHE A 443 33.54 30.50 -1.46
CA PHE A 443 32.18 30.11 -1.78
C PHE A 443 31.44 29.63 -0.53
N VAL A 444 30.20 30.10 -0.36
CA VAL A 444 29.27 29.53 0.61
C VAL A 444 27.89 29.47 -0.03
N LEU A 445 27.12 28.44 0.34
CA LEU A 445 25.88 28.11 -0.35
C LEU A 445 24.84 29.22 -0.25
N GLU A 446 24.20 29.50 -1.38
CA GLU A 446 22.98 30.29 -1.37
C GLU A 446 21.79 29.49 -0.89
N LYS A 447 21.83 28.17 -1.02
CA LYS A 447 20.71 27.30 -0.64
C LYS A 447 21.25 26.09 0.13
N SER A 448 20.37 25.52 0.95
CA SER A 448 20.74 24.36 1.75
C SER A 448 20.79 23.08 0.90
N LEU A 449 21.69 22.18 1.28
CA LEU A 449 22.03 21.03 0.42
C LEU A 449 20.87 20.07 0.21
N LYS A 450 19.87 20.05 1.10
CA LYS A 450 18.68 19.26 0.84
C LYS A 450 17.70 19.97 -0.09
N LYS A 451 18.08 21.16 -0.59
CA LYS A 451 17.22 21.93 -1.49
C LYS A 451 18.07 22.78 -2.44
N ASN A 452 19.24 22.26 -2.85
CA ASN A 452 20.16 22.94 -3.76
C ASN A 452 20.64 21.87 -4.75
N ASP A 453 19.84 21.62 -5.78
CA ASP A 453 20.14 20.54 -6.72
C ASP A 453 21.45 20.78 -7.48
N ALA A 454 21.78 22.05 -7.74
CA ALA A 454 22.95 22.35 -8.56
C ALA A 454 24.25 21.95 -7.87
N VAL A 455 24.33 22.15 -6.55
CA VAL A 455 25.54 21.81 -5.82
C VAL A 455 25.63 20.30 -5.62
N VAL A 456 24.50 19.65 -5.35
CA VAL A 456 24.50 18.20 -5.18
C VAL A 456 24.94 17.51 -6.46
N ALA A 457 24.55 18.06 -7.61
CA ALA A 457 24.94 17.45 -8.88
C ALA A 457 26.44 17.52 -9.09
N ILE A 458 27.05 18.66 -8.75
CA ILE A 458 28.49 18.80 -8.94
C ILE A 458 29.24 17.81 -8.05
N MET A 459 28.75 17.59 -6.83
CA MET A 459 29.37 16.62 -5.95
C MET A 459 29.10 15.20 -6.43
N LYS A 460 27.84 14.91 -6.77
CA LYS A 460 27.49 13.56 -7.18
C LYS A 460 28.22 13.17 -8.46
N ASP A 461 28.35 14.10 -9.41
CA ASP A 461 29.12 13.80 -10.63
C ASP A 461 30.59 13.57 -10.30
N LEU A 462 31.12 14.28 -9.31
CA LEU A 462 32.49 14.02 -8.87
C LEU A 462 32.58 12.66 -8.20
N LEU A 463 31.73 12.41 -7.20
CA LEU A 463 31.78 11.14 -6.48
C LEU A 463 31.57 9.97 -7.43
N ASP A 464 30.67 10.11 -8.40
CA ASP A 464 30.42 9.04 -9.37
C ASP A 464 31.69 8.67 -10.14
N SER A 465 32.36 9.66 -10.73
CA SER A 465 33.51 9.35 -11.57
C SER A 465 34.62 8.65 -10.78
N VAL A 466 34.81 9.03 -9.51
CA VAL A 466 35.82 8.38 -8.67
C VAL A 466 35.45 6.93 -8.39
N LYS A 467 34.16 6.67 -8.17
CA LYS A 467 33.69 5.29 -8.01
C LYS A 467 33.84 4.50 -9.29
N SER A 468 33.60 5.14 -10.44
CA SER A 468 33.77 4.45 -11.72
C SER A 468 35.23 4.05 -11.92
N PHE A 469 36.15 4.98 -11.62
CA PHE A 469 37.58 4.68 -11.66
C PHE A 469 37.96 3.60 -10.67
N GLU A 470 37.36 3.63 -9.46
CA GLU A 470 37.72 2.67 -8.42
C GLU A 470 37.32 1.26 -8.78
N ASN A 471 36.14 1.07 -9.36
CA ASN A 471 35.71 -0.28 -9.70
C ASN A 471 36.53 -0.87 -10.83
N TYR A 472 36.99 -0.03 -11.76
CA TYR A 472 37.88 -0.52 -12.81
C TYR A 472 39.22 -0.96 -12.19
N ILE A 473 39.76 -0.14 -11.30
CA ILE A 473 41.02 -0.44 -10.64
C ILE A 473 40.93 -1.72 -9.82
N LYS A 474 39.79 -1.94 -9.13
CA LYS A 474 39.65 -3.12 -8.29
C LYS A 474 39.80 -4.43 -9.06
N ALA A 475 39.51 -4.43 -10.36
CA ALA A 475 39.62 -5.67 -11.11
C ALA A 475 41.06 -6.18 -11.18
N PHE A 476 42.04 -5.32 -10.97
CA PHE A 476 43.45 -5.66 -11.15
C PHE A 476 44.10 -6.21 -9.89
N PHE A 477 43.35 -6.42 -8.81
CA PHE A 477 43.96 -6.97 -7.61
C PHE A 477 44.36 -8.44 -7.82
N GLY A 478 43.55 -9.22 -8.53
CA GLY A 478 43.73 -10.66 -8.58
C GLY A 478 43.23 -11.32 -7.31
N GLU A 479 43.42 -12.64 -7.23
CA GLU A 479 43.24 -13.31 -5.95
C GLU A 479 44.28 -12.84 -4.94
N GLY A 480 45.45 -12.43 -5.41
CA GLY A 480 46.53 -11.92 -4.57
C GLY A 480 47.52 -12.97 -4.17
N LYS A 481 47.02 -14.11 -3.67
CA LYS A 481 47.78 -15.26 -3.16
C LYS A 481 48.45 -16.08 -4.27
N GLU A 482 48.52 -15.56 -5.50
CA GLU A 482 49.23 -16.26 -6.56
C GLU A 482 50.71 -15.95 -6.49
N THR A 483 51.53 -16.98 -6.72
CA THR A 483 52.96 -16.87 -6.47
C THR A 483 53.64 -15.90 -7.43
N ASN A 484 53.38 -16.06 -8.74
CA ASN A 484 54.08 -15.31 -9.77
C ASN A 484 53.95 -13.79 -9.59
N ARG A 485 53.12 -13.36 -8.63
CA ARG A 485 52.73 -11.98 -8.47
C ARG A 485 53.92 -11.01 -8.43
N ASP A 486 53.84 -9.99 -9.28
CA ASP A 486 54.85 -8.94 -9.42
C ASP A 486 54.66 -7.95 -8.28
N GLU A 487 55.40 -8.15 -7.18
CA GLU A 487 55.25 -7.26 -6.04
C GLU A 487 55.89 -5.89 -6.24
N SER A 488 56.52 -5.63 -7.39
CA SER A 488 56.89 -4.27 -7.77
C SER A 488 55.74 -3.49 -8.37
N PHE A 489 54.66 -4.16 -8.74
CA PHE A 489 53.40 -3.52 -9.13
C PHE A 489 52.39 -3.49 -7.98
N TYR A 490 52.21 -4.61 -7.28
CA TYR A 490 51.22 -4.68 -6.20
C TYR A 490 51.60 -3.81 -5.01
N GLY A 491 52.89 -3.69 -4.70
CA GLY A 491 53.34 -2.84 -3.61
C GLY A 491 52.79 -1.42 -3.67
N ASP A 492 53.03 -0.74 -4.80
CA ASP A 492 52.48 0.59 -5.00
C ASP A 492 50.98 0.55 -5.33
N PHE A 493 50.51 -0.51 -6.00
CA PHE A 493 49.10 -0.62 -6.31
C PHE A 493 48.26 -0.73 -5.03
N VAL A 494 48.63 -1.67 -4.14
CA VAL A 494 47.90 -1.86 -2.90
C VAL A 494 47.89 -0.58 -2.06
N LEU A 495 48.97 0.19 -2.12
CA LEU A 495 49.02 1.41 -1.32
C LEU A 495 48.08 2.48 -1.87
N ALA A 496 48.07 2.68 -3.18
CA ALA A 496 47.17 3.70 -3.76
C ALA A 496 45.73 3.23 -3.83
N TYR A 497 45.47 1.93 -3.77
CA TYR A 497 44.10 1.44 -3.81
C TYR A 497 43.45 1.50 -2.44
N ASP A 498 44.19 1.13 -1.39
CA ASP A 498 43.61 1.15 -0.06
C ASP A 498 43.28 2.56 0.41
N ILE A 499 43.91 3.58 -0.17
CA ILE A 499 43.54 4.95 0.15
C ILE A 499 42.32 5.37 -0.66
N LEU A 500 42.24 4.95 -1.92
CA LEU A 500 41.07 5.26 -2.73
C LEU A 500 39.82 4.64 -2.13
N LEU A 501 39.92 3.44 -1.54
CA LEU A 501 38.78 2.77 -0.93
C LEU A 501 38.11 3.61 0.16
N LYS A 502 38.84 4.60 0.71
CA LYS A 502 38.25 5.51 1.70
C LYS A 502 37.07 6.28 1.12
N VAL A 503 36.93 6.33 -0.20
CA VAL A 503 35.79 7.03 -0.81
C VAL A 503 34.49 6.29 -0.56
N ASP A 504 34.54 5.00 -0.21
CA ASP A 504 33.32 4.24 -0.01
C ASP A 504 32.50 4.76 1.15
N HIS A 505 33.16 5.07 2.28
CA HIS A 505 32.42 5.64 3.39
C HIS A 505 31.94 7.06 3.08
N ILE A 506 32.72 7.82 2.31
CA ILE A 506 32.37 9.20 2.02
C ILE A 506 31.18 9.27 1.07
N TYR A 507 31.23 8.48 -0.01
CA TYR A 507 30.10 8.38 -0.92
C TYR A 507 28.84 7.99 -0.15
N ASP A 508 28.91 6.89 0.61
CA ASP A 508 27.76 6.42 1.38
C ASP A 508 27.21 7.53 2.29
N ALA A 509 28.08 8.19 3.04
CA ALA A 509 27.58 9.14 4.03
C ALA A 509 27.05 10.41 3.40
N ILE A 510 27.63 10.85 2.28
CA ILE A 510 27.15 12.06 1.60
C ILE A 510 25.77 11.84 1.00
N ARG A 511 25.53 10.67 0.40
CA ARG A 511 24.19 10.35 -0.08
C ARG A 511 23.20 10.25 1.06
N ASN A 512 23.62 9.66 2.19
CA ASN A 512 22.71 9.52 3.33
C ASN A 512 22.25 10.86 3.85
N TYR A 513 23.10 11.89 3.79
CA TYR A 513 22.71 13.21 4.24
C TYR A 513 21.91 13.93 3.17
N VAL A 514 22.48 14.03 1.98
CA VAL A 514 22.04 14.93 0.95
C VAL A 514 20.67 14.56 0.39
N THR A 515 20.22 13.33 0.60
CA THR A 515 18.92 12.89 0.14
C THR A 515 17.86 12.94 1.24
N GLN A 516 18.13 13.65 2.33
CA GLN A 516 17.16 13.76 3.40
C GLN A 516 16.10 14.80 3.08
N LYS A 517 14.84 14.43 3.27
CA LYS A 517 13.76 15.40 3.23
C LYS A 517 14.09 16.55 4.19
N PRO A 518 13.96 17.80 3.76
CA PRO A 518 14.16 18.92 4.68
C PRO A 518 13.06 18.95 5.73
N TYR A 519 13.40 19.56 6.88
CA TYR A 519 12.45 19.66 7.97
C TYR A 519 11.30 20.57 7.59
N SER A 520 10.07 20.11 7.86
CA SER A 520 8.87 20.91 7.70
C SER A 520 8.06 20.80 8.98
N LYS A 521 7.70 21.94 9.56
CA LYS A 521 6.92 21.97 10.80
C LYS A 521 5.51 21.40 10.57
N ASP A 522 5.06 20.57 11.50
CA ASP A 522 3.67 20.13 11.47
C ASP A 522 2.76 21.20 12.06
N LYS A 523 1.48 21.15 11.64
CA LYS A 523 0.45 21.86 12.39
C LYS A 523 0.50 21.38 13.84
N PHE A 524 -0.07 22.16 14.75
CA PHE A 524 -0.09 21.76 16.14
C PHE A 524 -1.46 22.07 16.75
N LYS A 525 -1.83 21.25 17.74
CA LYS A 525 -3.15 21.33 18.34
C LYS A 525 -3.27 22.48 19.32
N LEU A 526 -4.45 23.10 19.37
CA LEU A 526 -4.73 24.21 20.28
C LEU A 526 -5.66 23.74 21.40
N TYR A 527 -5.32 24.13 22.63
CA TYR A 527 -6.11 23.71 23.79
C TYR A 527 -6.76 24.87 24.52
N PHE A 528 -6.38 26.12 24.24
CA PHE A 528 -6.80 27.29 25.01
C PHE A 528 -6.74 27.01 26.50
N GLN A 529 -5.62 26.40 26.92
CA GLN A 529 -5.32 26.17 28.34
C GLN A 529 -6.32 25.24 29.02
N ASN A 530 -6.93 24.35 28.26
CA ASN A 530 -7.97 23.47 28.78
C ASN A 530 -7.66 22.03 28.41
N PRO A 531 -7.38 21.14 29.38
CA PRO A 531 -7.03 19.76 29.02
C PRO A 531 -8.17 18.98 28.38
N GLN A 532 -9.40 19.44 28.48
CA GLN A 532 -10.51 18.79 27.81
C GLN A 532 -11.19 19.74 26.83
N PHE A 533 -10.41 20.69 26.29
CA PHE A 533 -10.91 21.69 25.35
C PHE A 533 -11.80 21.08 24.28
N MET A 534 -12.98 21.68 24.10
CA MET A 534 -13.90 21.32 23.02
C MET A 534 -14.15 19.80 23.00
N GLY A 535 -14.21 19.19 24.19
CA GLY A 535 -14.37 17.75 24.28
C GLY A 535 -15.71 17.28 23.76
N GLY A 536 -16.74 18.11 23.89
CA GLY A 536 -18.06 17.81 23.40
C GLY A 536 -18.87 19.07 23.23
N TRP A 537 -20.14 18.90 22.92
CA TRP A 537 -21.00 20.03 22.61
C TRP A 537 -22.19 20.20 23.55
N ASP A 538 -22.43 19.26 24.46
CA ASP A 538 -23.59 19.32 25.37
C ASP A 538 -23.65 20.65 26.14
N LYS A 539 -24.86 21.23 26.19
CA LYS A 539 -25.10 22.50 26.89
C LYS A 539 -24.61 22.47 28.33
N ASP A 540 -24.93 21.39 29.05
CA ASP A 540 -24.51 21.19 30.44
C ASP A 540 -22.98 20.97 30.60
N LYS A 541 -22.19 21.12 29.53
CA LYS A 541 -20.73 21.05 29.62
C LYS A 541 -20.04 22.22 28.94
N GLU A 542 -20.80 23.24 28.47
CA GLU A 542 -20.21 24.46 27.91
C GLU A 542 -19.09 25.01 28.78
N THR A 543 -19.29 25.02 30.09
CA THR A 543 -18.36 25.65 31.01
C THR A 543 -17.08 24.83 31.14
N ASP A 544 -17.18 23.51 30.98
CA ASP A 544 -16.04 22.62 31.13
C ASP A 544 -15.19 22.57 29.87
N TYR A 545 -15.84 22.62 28.69
CA TYR A 545 -15.17 22.53 27.39
C TYR A 545 -14.82 23.90 26.82
N ARG A 546 -15.65 24.92 27.09
CA ARG A 546 -15.39 26.32 26.71
C ARG A 546 -15.34 26.49 25.19
N ALA A 547 -16.27 25.84 24.48
CA ALA A 547 -16.38 26.00 23.04
C ALA A 547 -17.82 25.74 22.62
N THR A 548 -18.35 26.59 21.74
CA THR A 548 -19.72 26.42 21.25
C THR A 548 -19.79 26.90 19.80
N ILE A 549 -20.96 26.71 19.20
CA ILE A 549 -21.20 27.08 17.81
C ILE A 549 -22.27 28.17 17.75
N LEU A 550 -22.04 29.17 16.87
CA LEU A 550 -22.97 30.26 16.63
C LEU A 550 -23.28 30.35 15.14
N ARG A 551 -24.44 30.91 14.83
CA ARG A 551 -24.88 31.07 13.46
C ARG A 551 -25.44 32.47 13.28
N TYR A 552 -25.03 33.13 12.19
CA TYR A 552 -25.52 34.45 11.85
C TYR A 552 -25.85 34.41 10.36
N GLY A 553 -27.12 34.21 10.06
CA GLY A 553 -27.53 33.99 8.69
C GLY A 553 -27.00 32.66 8.18
N SER A 554 -26.26 32.68 7.07
CA SER A 554 -25.68 31.48 6.49
C SER A 554 -24.26 31.20 6.99
N LYS A 555 -23.67 32.12 7.74
CA LYS A 555 -22.31 31.96 8.23
C LYS A 555 -22.32 31.33 9.62
N TYR A 556 -21.31 30.49 9.89
CA TYR A 556 -21.19 29.74 11.13
C TYR A 556 -19.90 30.10 11.86
N TYR A 557 -19.92 29.95 13.18
CA TYR A 557 -18.82 30.46 14.00
C TYR A 557 -18.48 29.44 15.09
N LEU A 558 -17.19 29.31 15.39
CA LEU A 558 -16.73 28.66 16.61
C LEU A 558 -16.49 29.74 17.66
N ALA A 559 -17.05 29.56 18.84
CA ALA A 559 -16.93 30.54 19.93
C ALA A 559 -16.24 29.86 21.12
N ILE A 560 -15.17 30.48 21.60
CA ILE A 560 -14.34 29.94 22.68
C ILE A 560 -14.26 30.96 23.81
N MET A 561 -14.57 30.51 25.04
CA MET A 561 -14.49 31.36 26.21
C MET A 561 -13.13 31.22 26.89
N ASP A 562 -12.54 32.36 27.25
CA ASP A 562 -11.25 32.38 27.94
C ASP A 562 -11.32 31.62 29.26
N LYS A 563 -10.19 31.03 29.66
CA LYS A 563 -10.12 30.21 30.87
C LYS A 563 -10.65 30.94 32.10
N LYS A 564 -10.67 32.26 32.09
CA LYS A 564 -11.09 33.06 33.25
C LYS A 564 -12.51 33.60 33.12
N TYR A 565 -13.24 33.24 32.06
CA TYR A 565 -14.59 33.72 31.82
C TYR A 565 -15.47 32.61 31.26
N ALA A 566 -15.46 31.44 31.92
CA ALA A 566 -16.18 30.30 31.39
C ALA A 566 -17.68 30.56 31.30
N LYS A 567 -18.22 31.34 32.23
CA LYS A 567 -19.65 31.59 32.21
C LYS A 567 -20.04 32.73 31.27
N CYS A 568 -19.07 33.34 30.58
CA CYS A 568 -19.32 34.63 29.93
C CYS A 568 -20.40 34.57 28.87
N LEU A 569 -20.72 33.38 28.33
CA LEU A 569 -21.67 33.31 27.23
C LEU A 569 -23.04 32.82 27.67
N GLN A 570 -23.14 32.12 28.79
CA GLN A 570 -24.45 31.61 29.20
C GLN A 570 -25.41 32.74 29.56
N LYS A 571 -24.91 33.77 30.24
CA LYS A 571 -25.77 34.81 30.81
C LYS A 571 -26.31 35.77 29.78
N ILE A 572 -25.80 35.75 28.54
CA ILE A 572 -26.24 36.68 27.52
C ILE A 572 -27.74 36.50 27.26
N ASP A 573 -28.47 37.61 27.25
CA ASP A 573 -29.89 37.58 26.96
C ASP A 573 -30.11 37.59 25.45
N LYS A 574 -31.36 37.75 25.04
CA LYS A 574 -31.68 38.12 23.67
C LYS A 574 -31.72 39.65 23.56
N ASP A 575 -31.32 40.15 22.40
CA ASP A 575 -31.61 41.52 22.00
C ASP A 575 -32.86 41.43 21.12
N ASP A 576 -34.02 41.56 21.77
CA ASP A 576 -35.29 41.55 21.04
C ASP A 576 -35.25 42.53 19.87
N VAL A 577 -34.69 43.73 20.11
CA VAL A 577 -34.65 44.82 19.14
C VAL A 577 -33.69 44.53 17.99
N ASN A 578 -32.39 44.62 18.25
CA ASN A 578 -31.37 44.59 17.21
C ASN A 578 -31.06 43.16 16.76
N GLY A 579 -29.83 42.92 16.32
CA GLY A 579 -29.48 41.63 15.77
C GLY A 579 -29.10 40.60 16.83
N ASN A 580 -29.20 39.33 16.43
CA ASN A 580 -28.88 38.21 17.32
C ASN A 580 -28.11 37.15 16.55
N TYR A 581 -27.06 36.62 17.17
CA TYR A 581 -26.53 35.32 16.79
C TYR A 581 -27.50 34.23 17.24
N GLU A 582 -27.44 33.08 16.56
CA GLU A 582 -28.10 31.87 17.03
C GLU A 582 -27.05 31.03 17.74
N LYS A 583 -27.28 30.74 19.03
CA LYS A 583 -26.32 29.95 19.79
C LYS A 583 -26.84 28.52 19.90
N ILE A 584 -25.95 27.57 19.68
CA ILE A 584 -26.35 26.17 19.62
C ILE A 584 -26.76 25.71 21.02
N ASN A 585 -27.77 24.87 21.05
CA ASN A 585 -28.20 24.18 22.26
C ASN A 585 -28.22 22.72 21.89
N TYR A 586 -27.24 21.98 22.37
CA TYR A 586 -27.00 20.61 21.95
C TYR A 586 -27.10 19.71 23.17
N LYS A 587 -27.89 18.65 23.06
CA LYS A 587 -28.01 17.68 24.14
C LYS A 587 -27.82 16.27 23.59
N LEU A 588 -27.03 15.47 24.32
CA LEU A 588 -26.71 14.11 23.90
C LEU A 588 -26.71 13.24 25.15
N LEU A 589 -27.43 12.13 25.08
CA LEU A 589 -27.33 11.08 26.10
C LEU A 589 -26.60 9.90 25.47
N PRO A 590 -25.29 9.79 25.63
CA PRO A 590 -24.53 8.77 24.91
C PRO A 590 -24.38 7.47 25.69
N GLY A 591 -24.54 6.37 24.96
CA GLY A 591 -24.40 5.04 25.50
C GLY A 591 -25.32 4.78 26.68
N PRO A 592 -26.63 4.81 26.45
CA PRO A 592 -27.58 4.64 27.57
C PRO A 592 -27.35 3.35 28.33
N ASN A 593 -26.92 2.29 27.64
CA ASN A 593 -26.73 1.00 28.31
C ASN A 593 -25.73 1.11 29.45
N LYS A 594 -24.74 2.00 29.33
CA LYS A 594 -23.78 2.25 30.39
C LYS A 594 -24.16 3.47 31.22
N MET A 595 -24.66 4.52 30.57
CA MET A 595 -24.97 5.77 31.27
C MET A 595 -26.10 5.59 32.28
N LEU A 596 -27.15 4.86 31.90
CA LEU A 596 -28.34 4.80 32.74
C LEU A 596 -28.08 4.10 34.07
N PRO A 597 -27.37 2.96 34.11
CA PRO A 597 -26.99 2.43 35.42
C PRO A 597 -26.01 3.33 36.16
N LYS A 598 -25.10 4.03 35.46
CA LYS A 598 -24.13 4.84 36.19
C LYS A 598 -24.79 6.03 36.86
N VAL A 599 -25.84 6.59 36.27
CA VAL A 599 -26.48 7.76 36.88
C VAL A 599 -27.51 7.37 37.92
N PHE A 600 -28.31 6.33 37.66
CA PHE A 600 -29.39 5.98 38.58
C PHE A 600 -28.99 5.01 39.68
N PHE A 601 -27.78 4.46 39.65
CA PHE A 601 -27.27 3.68 40.75
C PHE A 601 -26.08 4.35 41.43
N SER A 602 -25.99 5.67 41.32
CA SER A 602 -24.92 6.47 41.90
C SER A 602 -25.30 6.95 43.29
N LYS A 603 -24.28 7.26 44.10
CA LYS A 603 -24.53 7.82 45.42
C LYS A 603 -25.31 9.13 45.33
N LYS A 604 -24.90 10.01 44.39
CA LYS A 604 -25.61 11.27 44.22
C LYS A 604 -27.09 11.05 43.89
N TRP A 605 -27.46 9.88 43.37
CA TRP A 605 -28.84 9.55 43.03
C TRP A 605 -29.44 8.48 43.93
N MET A 606 -28.69 7.44 44.32
CA MET A 606 -29.23 6.46 45.27
C MET A 606 -29.58 7.09 46.61
N ALA A 607 -29.18 8.35 46.85
CA ALA A 607 -29.71 9.10 47.98
C ALA A 607 -31.17 9.51 47.72
N TYR A 608 -31.43 10.10 46.56
CA TYR A 608 -32.75 10.56 46.14
C TYR A 608 -33.75 9.41 46.10
N TYR A 609 -33.88 8.75 44.96
CA TYR A 609 -34.57 7.47 44.93
C TYR A 609 -33.73 6.43 45.67
N ASN A 610 -34.37 5.34 46.06
CA ASN A 610 -33.66 4.16 46.54
C ASN A 610 -34.17 2.97 45.73
N PRO A 611 -33.34 2.38 44.88
CA PRO A 611 -33.76 1.15 44.19
C PRO A 611 -34.02 0.05 45.21
N SER A 612 -35.22 -0.55 45.09
CA SER A 612 -35.61 -1.65 45.95
C SER A 612 -34.60 -2.78 45.86
N GLU A 613 -34.53 -3.62 46.89
CA GLU A 613 -33.65 -4.79 46.83
C GLU A 613 -34.01 -5.67 45.65
N ASP A 614 -35.26 -5.62 45.21
CA ASP A 614 -35.64 -6.23 43.94
C ASP A 614 -34.90 -5.57 42.78
N ILE A 615 -34.95 -4.24 42.70
CA ILE A 615 -34.21 -3.53 41.67
C ILE A 615 -32.71 -3.61 41.92
N GLN A 616 -32.29 -3.66 43.20
CA GLN A 616 -30.87 -3.68 43.52
C GLN A 616 -30.25 -5.05 43.21
N LYS A 617 -30.92 -6.14 43.60
CA LYS A 617 -30.35 -7.47 43.42
C LYS A 617 -30.20 -7.83 41.95
N ILE A 618 -31.10 -7.33 41.10
CA ILE A 618 -31.12 -7.78 39.71
C ILE A 618 -29.94 -7.21 38.93
N TYR A 619 -29.60 -5.94 39.18
CA TYR A 619 -28.42 -5.36 38.53
C TYR A 619 -27.14 -5.84 39.20
N LYS A 620 -27.19 -6.11 40.51
CA LYS A 620 -26.06 -6.71 41.19
C LYS A 620 -25.76 -8.11 40.68
N ASN A 621 -26.79 -8.85 40.27
CA ASN A 621 -26.64 -10.24 39.84
C ASN A 621 -26.23 -10.38 38.38
N GLY A 622 -26.78 -9.56 37.50
CA GLY A 622 -26.59 -9.74 36.07
C GLY A 622 -27.76 -10.39 35.36
N THR A 623 -28.91 -10.52 36.01
CA THR A 623 -30.12 -11.08 35.41
C THR A 623 -30.81 -10.10 34.46
N PHE A 624 -30.16 -9.00 34.10
CA PHE A 624 -30.69 -8.07 33.12
C PHE A 624 -30.31 -8.44 31.69
N LYS A 625 -29.19 -9.12 31.51
CA LYS A 625 -28.64 -9.33 30.18
C LYS A 625 -29.17 -10.62 29.59
N LYS A 626 -29.43 -10.61 28.29
CA LYS A 626 -29.62 -11.86 27.56
C LYS A 626 -28.32 -12.67 27.65
N GLY A 627 -28.44 -13.90 28.14
CA GLY A 627 -27.27 -14.73 28.34
C GLY A 627 -27.62 -15.99 29.08
N ASP A 628 -26.66 -16.47 29.87
CA ASP A 628 -26.81 -17.72 30.60
C ASP A 628 -27.44 -17.52 31.98
N MET A 629 -28.04 -16.34 32.26
CA MET A 629 -28.74 -16.12 33.52
C MET A 629 -29.97 -15.23 33.34
N PHE A 630 -30.57 -15.24 32.16
CA PHE A 630 -31.60 -14.29 31.78
C PHE A 630 -32.86 -14.45 32.65
N ASN A 631 -33.76 -13.47 32.50
CA ASN A 631 -35.10 -13.45 33.08
C ASN A 631 -35.85 -12.22 32.58
N LEU A 632 -36.79 -12.41 31.65
CA LEU A 632 -37.43 -11.27 31.00
C LEU A 632 -38.19 -10.39 32.00
N ASN A 633 -38.78 -10.98 33.03
CA ASN A 633 -39.59 -10.21 33.97
C ASN A 633 -38.77 -9.23 34.78
N ASP A 634 -37.48 -9.53 34.99
CA ASP A 634 -36.61 -8.63 35.75
C ASP A 634 -36.31 -7.37 34.95
N CYS A 635 -35.86 -7.51 33.70
CA CYS A 635 -35.58 -6.34 32.89
C CYS A 635 -36.84 -5.52 32.65
N HIS A 636 -38.02 -6.15 32.66
CA HIS A 636 -39.26 -5.41 32.54
C HIS A 636 -39.37 -4.38 33.66
N LYS A 637 -39.26 -4.83 34.91
CA LYS A 637 -39.33 -3.90 36.04
C LYS A 637 -38.12 -2.95 36.06
N LEU A 638 -36.93 -3.46 35.71
CA LEU A 638 -35.75 -2.61 35.64
C LEU A 638 -35.96 -1.45 34.67
N ILE A 639 -36.54 -1.75 33.49
CA ILE A 639 -36.90 -0.73 32.50
C ILE A 639 -37.88 0.28 33.09
N ASP A 640 -38.87 -0.21 33.85
CA ASP A 640 -39.83 0.68 34.47
C ASP A 640 -39.20 1.48 35.61
N PHE A 641 -38.19 0.92 36.27
CA PHE A 641 -37.43 1.71 37.24
C PHE A 641 -36.67 2.82 36.55
N PHE A 642 -35.98 2.49 35.45
CA PHE A 642 -35.29 3.51 34.68
C PHE A 642 -36.26 4.55 34.12
N LYS A 643 -37.37 4.09 33.52
CA LYS A 643 -38.37 5.02 33.03
C LYS A 643 -38.91 5.88 34.17
N ASP A 644 -39.17 5.26 35.34
CA ASP A 644 -39.62 6.02 36.50
C ASP A 644 -38.56 7.04 36.93
N SER A 645 -37.28 6.65 36.87
CA SER A 645 -36.21 7.58 37.27
C SER A 645 -35.99 8.67 36.24
N ILE A 646 -36.20 8.40 34.94
CA ILE A 646 -35.98 9.42 33.92
C ILE A 646 -36.89 10.62 34.15
N SER A 647 -38.13 10.35 34.57
CA SER A 647 -39.06 11.42 34.92
C SER A 647 -38.49 12.31 36.02
N ARG A 648 -37.90 11.70 37.04
CA ARG A 648 -37.37 12.43 38.19
C ARG A 648 -36.02 13.08 37.93
N TYR A 649 -35.35 12.76 36.81
CA TYR A 649 -34.05 13.34 36.51
C TYR A 649 -34.25 14.56 35.63
N PRO A 650 -34.07 15.78 36.14
CA PRO A 650 -34.51 16.97 35.40
C PRO A 650 -33.73 17.22 34.13
N LYS A 651 -32.40 17.20 34.20
CA LYS A 651 -31.60 17.59 33.04
C LYS A 651 -31.72 16.62 31.87
N TRP A 652 -32.50 15.54 31.99
CA TRP A 652 -32.84 14.65 30.89
C TRP A 652 -34.30 14.73 30.48
N SER A 653 -35.22 14.74 31.45
CA SER A 653 -36.65 14.67 31.13
C SER A 653 -37.08 15.82 30.25
N ASN A 654 -36.51 17.00 30.46
CA ASN A 654 -36.89 18.19 29.71
C ASN A 654 -36.10 18.38 28.42
N ALA A 655 -34.95 17.70 28.27
CA ALA A 655 -34.14 17.87 27.07
C ALA A 655 -34.69 17.07 25.90
N TYR A 656 -35.18 15.86 26.16
CA TYR A 656 -35.68 14.95 25.13
C TYR A 656 -37.12 14.60 25.47
N ASP A 657 -38.06 15.11 24.68
CA ASP A 657 -39.47 14.76 24.88
C ASP A 657 -39.67 13.28 24.61
N PHE A 658 -39.33 12.43 25.59
CA PHE A 658 -39.32 10.98 25.34
C PHE A 658 -40.72 10.48 24.97
N ASN A 659 -40.74 9.36 24.23
CA ASN A 659 -41.95 8.68 23.76
C ASN A 659 -41.67 7.17 23.74
N PHE A 660 -41.54 6.58 24.93
CA PHE A 660 -41.17 5.18 25.01
C PHE A 660 -42.34 4.28 24.64
N SER A 661 -42.01 3.05 24.25
CA SER A 661 -43.01 2.03 23.96
C SER A 661 -43.52 1.40 25.25
N GLU A 662 -44.65 0.70 25.13
CA GLU A 662 -45.22 -0.01 26.27
C GLU A 662 -44.25 -1.07 26.74
N THR A 663 -43.93 -1.03 28.05
CA THR A 663 -42.80 -1.79 28.59
C THR A 663 -42.91 -3.28 28.28
N GLU A 664 -44.12 -3.83 28.36
CA GLU A 664 -44.36 -5.27 28.19
C GLU A 664 -43.88 -5.80 26.83
N LYS A 665 -43.35 -4.94 25.97
CA LYS A 665 -42.99 -5.35 24.61
C LYS A 665 -41.50 -5.63 24.43
N TYR A 666 -40.65 -5.24 25.37
CA TYR A 666 -39.20 -5.42 25.18
C TYR A 666 -38.83 -6.89 25.40
N LYS A 667 -37.96 -7.41 24.52
CA LYS A 667 -37.47 -8.78 24.62
C LYS A 667 -36.22 -8.91 25.46
N ASP A 668 -35.38 -7.87 25.50
CA ASP A 668 -34.24 -7.78 26.41
C ASP A 668 -34.10 -6.32 26.82
N ILE A 669 -32.97 -5.99 27.44
CA ILE A 669 -32.76 -4.60 27.85
C ILE A 669 -32.31 -3.73 26.67
N ALA A 670 -31.54 -4.30 25.72
CA ALA A 670 -31.08 -3.52 24.58
C ALA A 670 -32.23 -2.97 23.74
N GLY A 671 -33.44 -3.49 23.92
CA GLY A 671 -34.59 -2.90 23.26
C GLY A 671 -35.00 -1.58 23.87
N PHE A 672 -34.90 -1.47 25.20
CA PHE A 672 -35.09 -0.17 25.83
C PHE A 672 -33.93 0.77 25.52
N TYR A 673 -32.69 0.26 25.61
CA TYR A 673 -31.52 1.11 25.40
C TYR A 673 -31.52 1.77 24.03
N ARG A 674 -32.01 1.08 23.01
CA ARG A 674 -32.01 1.67 21.67
C ARG A 674 -33.02 2.81 21.55
N GLU A 675 -34.11 2.78 22.30
CA GLU A 675 -35.04 3.90 22.23
C GLU A 675 -34.48 5.12 22.97
N VAL A 676 -33.82 4.88 24.11
CA VAL A 676 -33.18 5.99 24.83
C VAL A 676 -32.11 6.64 23.97
N GLU A 677 -31.28 5.81 23.32
CA GLU A 677 -30.18 6.31 22.52
C GLU A 677 -30.68 7.14 21.34
N GLU A 678 -31.70 6.63 20.64
CA GLU A 678 -32.22 7.34 19.47
C GLU A 678 -32.88 8.65 19.88
N GLN A 679 -33.57 8.67 21.00
CA GLN A 679 -34.28 9.88 21.38
C GLN A 679 -33.41 10.84 22.16
N GLY A 680 -32.30 10.37 22.73
CA GLY A 680 -31.37 11.23 23.46
C GLY A 680 -30.45 12.05 22.58
N TYR A 681 -31.01 12.77 21.61
CA TYR A 681 -30.23 13.69 20.78
C TYR A 681 -31.16 14.78 20.29
N LYS A 682 -30.82 16.04 20.60
CA LYS A 682 -31.63 17.18 20.18
C LYS A 682 -30.72 18.38 19.93
N VAL A 683 -30.90 19.04 18.79
CA VAL A 683 -30.15 20.24 18.46
C VAL A 683 -31.12 21.36 18.10
N SER A 684 -31.09 22.45 18.85
CA SER A 684 -31.82 23.67 18.52
C SER A 684 -30.92 24.89 18.65
N PHE A 685 -31.50 26.09 18.48
CA PHE A 685 -30.74 27.33 18.60
C PHE A 685 -31.51 28.32 19.45
N GLU A 686 -30.80 28.97 20.37
CA GLU A 686 -31.33 30.06 21.18
C GLU A 686 -30.74 31.38 20.70
N SER A 687 -31.49 32.46 20.86
CA SER A 687 -31.02 33.76 20.43
C SER A 687 -30.06 34.39 21.46
N ALA A 688 -29.22 35.29 20.96
CA ALA A 688 -28.22 35.95 21.79
C ALA A 688 -27.80 37.25 21.11
N SER A 689 -27.73 38.32 21.91
CA SER A 689 -27.46 39.67 21.39
C SER A 689 -26.12 39.75 20.66
N LYS A 690 -26.16 40.15 19.39
CA LYS A 690 -24.91 40.26 18.63
C LYS A 690 -24.00 41.33 19.20
N LYS A 691 -24.58 42.44 19.66
CA LYS A 691 -23.77 43.52 20.24
C LYS A 691 -23.07 43.03 21.51
N GLU A 692 -23.82 42.36 22.40
CA GLU A 692 -23.24 41.85 23.63
C GLU A 692 -22.16 40.81 23.36
N VAL A 693 -22.40 39.90 22.42
CA VAL A 693 -21.40 38.87 22.12
C VAL A 693 -20.18 39.48 21.47
N ASP A 694 -20.37 40.38 20.49
CA ASP A 694 -19.23 41.04 19.86
C ASP A 694 -18.36 41.76 20.89
N LYS A 695 -18.98 42.44 21.86
CA LYS A 695 -18.23 43.10 22.92
C LYS A 695 -17.34 42.13 23.67
N LEU A 696 -17.82 40.91 23.89
CA LEU A 696 -16.97 39.90 24.55
C LEU A 696 -15.73 39.62 23.72
N VAL A 697 -15.87 39.56 22.40
CA VAL A 697 -14.71 39.37 21.54
C VAL A 697 -13.78 40.57 21.62
N GLU A 698 -14.35 41.78 21.68
CA GLU A 698 -13.56 42.98 21.88
C GLU A 698 -12.75 42.91 23.17
N GLU A 699 -13.43 42.63 24.28
CA GLU A 699 -12.79 42.62 25.59
C GLU A 699 -11.84 41.46 25.77
N GLY A 700 -11.88 40.45 24.90
CA GLY A 700 -10.96 39.33 24.99
C GLY A 700 -11.41 38.18 25.87
N LYS A 701 -12.64 38.23 26.38
CA LYS A 701 -13.20 37.12 27.15
C LYS A 701 -13.78 36.04 26.25
N LEU A 702 -13.98 36.33 24.97
CA LEU A 702 -14.46 35.37 23.98
C LEU A 702 -13.60 35.45 22.74
N TYR A 703 -13.26 34.29 22.18
CA TYR A 703 -12.59 34.18 20.89
C TYR A 703 -13.57 33.61 19.88
N MET A 704 -13.57 34.20 18.68
CA MET A 704 -14.53 33.85 17.65
C MET A 704 -13.84 33.55 16.33
N PHE A 705 -14.27 32.47 15.67
CA PHE A 705 -13.71 32.01 14.41
C PHE A 705 -14.85 31.69 13.46
N GLN A 706 -14.80 32.22 12.23
CA GLN A 706 -15.72 31.74 11.23
C GLN A 706 -15.28 30.35 10.75
N ILE A 707 -16.22 29.40 10.79
CA ILE A 707 -16.04 28.08 10.22
C ILE A 707 -16.23 28.21 8.72
N TYR A 708 -15.16 27.98 7.95
CA TYR A 708 -15.18 28.46 6.58
C TYR A 708 -14.59 27.42 5.62
N ASN A 709 -15.22 27.31 4.45
CA ASN A 709 -14.56 26.87 3.24
C ASN A 709 -15.09 27.75 2.12
N LYS A 710 -14.63 27.49 0.88
CA LYS A 710 -14.96 28.42 -0.20
C LYS A 710 -16.45 28.42 -0.55
N ASP A 711 -17.20 27.40 -0.12
CA ASP A 711 -18.63 27.42 -0.40
C ASP A 711 -19.35 28.50 0.40
N PHE A 712 -18.71 29.06 1.43
CA PHE A 712 -19.23 30.17 2.23
C PHE A 712 -18.73 31.54 1.76
N SER A 713 -17.96 31.61 0.68
CA SER A 713 -17.58 32.90 0.14
C SER A 713 -18.81 33.66 -0.33
N ASP A 714 -18.71 35.00 -0.30
CA ASP A 714 -19.77 35.79 -0.91
C ASP A 714 -19.83 35.58 -2.41
N LYS A 715 -18.76 35.06 -3.01
CA LYS A 715 -18.72 34.87 -4.45
C LYS A 715 -19.06 33.44 -4.88
N SER A 716 -19.28 32.53 -3.93
CA SER A 716 -19.59 31.16 -4.31
C SER A 716 -20.94 31.10 -5.02
N HIS A 717 -21.05 30.25 -6.04
CA HIS A 717 -22.29 30.19 -6.80
C HIS A 717 -22.56 28.80 -7.39
N GLY A 718 -21.56 27.92 -7.37
CA GLY A 718 -21.74 26.58 -7.90
C GLY A 718 -22.29 25.62 -6.86
N THR A 719 -22.30 24.35 -7.25
CA THR A 719 -22.69 23.28 -6.34
C THR A 719 -21.69 23.17 -5.18
N PRO A 720 -22.17 23.12 -3.94
CA PRO A 720 -21.25 22.93 -2.80
C PRO A 720 -20.54 21.57 -2.84
N ASN A 721 -19.37 21.54 -2.20
CA ASN A 721 -18.75 20.30 -1.75
C ASN A 721 -19.77 19.46 -0.99
N LEU A 722 -19.66 18.15 -1.14
CA LEU A 722 -20.50 17.25 -0.37
C LEU A 722 -20.37 17.52 1.13
N HIS A 723 -19.16 17.84 1.58
CA HIS A 723 -18.92 18.05 3.00
C HIS A 723 -19.58 19.34 3.51
N THR A 724 -19.70 20.37 2.67
CA THR A 724 -20.52 21.53 3.05
C THR A 724 -21.96 21.11 3.25
N MET A 725 -22.47 20.26 2.36
CA MET A 725 -23.82 19.77 2.49
C MET A 725 -24.01 19.00 3.80
N TYR A 726 -23.09 18.07 4.11
CA TYR A 726 -23.17 17.36 5.39
C TYR A 726 -23.19 18.34 6.55
N PHE A 727 -22.29 19.33 6.53
CA PHE A 727 -22.18 20.25 7.66
C PHE A 727 -23.48 21.04 7.89
N LYS A 728 -24.03 21.64 6.83
CA LYS A 728 -25.28 22.38 6.97
C LYS A 728 -26.46 21.49 7.36
N LEU A 729 -26.49 20.24 6.85
CA LEU A 729 -27.55 19.31 7.21
C LEU A 729 -27.54 18.94 8.69
N LEU A 730 -26.38 19.06 9.35
CA LEU A 730 -26.33 18.86 10.79
C LEU A 730 -27.44 19.63 11.51
N PHE A 731 -27.76 20.83 11.01
CA PHE A 731 -28.68 21.74 11.69
C PHE A 731 -29.96 21.98 10.89
N ASP A 732 -30.33 21.05 10.02
CA ASP A 732 -31.52 21.21 9.20
C ASP A 732 -32.67 20.42 9.82
N GLU A 733 -33.84 21.06 9.89
CA GLU A 733 -35.00 20.43 10.52
C GLU A 733 -35.37 19.10 9.88
N ASN A 734 -34.96 18.85 8.63
CA ASN A 734 -35.29 17.61 7.95
C ASN A 734 -34.37 16.48 8.35
N ASN A 735 -33.24 16.79 8.94
CA ASN A 735 -32.33 15.79 9.47
C ASN A 735 -32.86 15.33 10.82
N HIS A 736 -33.40 14.11 10.86
CA HIS A 736 -33.98 13.53 12.08
C HIS A 736 -33.06 12.48 12.68
N GLY A 737 -31.80 12.85 12.91
CA GLY A 737 -30.84 11.92 13.44
C GLY A 737 -30.02 11.15 12.42
N GLN A 738 -30.30 11.28 11.12
CA GLN A 738 -29.50 10.57 10.10
C GLN A 738 -28.03 10.98 10.17
N ILE A 739 -27.74 12.25 10.43
CA ILE A 739 -26.36 12.70 10.59
C ILE A 739 -26.27 13.51 11.88
N ARG A 740 -25.45 13.04 12.81
CA ARG A 740 -25.36 13.66 14.13
C ARG A 740 -24.03 14.35 14.21
N LEU A 741 -24.02 15.49 14.89
CA LEU A 741 -22.78 16.17 15.21
C LEU A 741 -22.17 15.48 16.41
N SER A 742 -20.91 15.11 16.29
CA SER A 742 -20.27 14.39 17.39
C SER A 742 -19.36 15.32 18.18
N GLY A 743 -18.98 14.85 19.37
CA GLY A 743 -17.89 15.45 20.11
C GLY A 743 -16.55 15.09 19.48
N GLY A 744 -15.48 15.40 20.22
CA GLY A 744 -14.15 15.10 19.73
C GLY A 744 -13.60 16.05 18.67
N ALA A 745 -14.21 17.21 18.47
CA ALA A 745 -13.70 18.16 17.47
C ALA A 745 -12.34 18.70 17.92
N GLU A 746 -11.52 19.11 16.96
CA GLU A 746 -10.17 19.56 17.26
C GLU A 746 -9.79 20.78 16.43
N LEU A 747 -8.98 21.64 17.03
CA LEU A 747 -8.55 22.88 16.39
C LEU A 747 -7.03 22.95 16.37
N PHE A 748 -6.48 23.27 15.20
CA PHE A 748 -5.04 23.28 14.98
C PHE A 748 -4.60 24.60 14.35
N MET A 749 -3.32 24.91 14.54
CA MET A 749 -2.64 25.99 13.86
C MET A 749 -1.63 25.41 12.87
N ARG A 750 -1.77 25.76 11.60
CA ARG A 750 -0.79 25.38 10.59
C ARG A 750 -0.07 26.65 10.17
N ARG A 751 1.16 26.82 10.67
CA ARG A 751 2.00 27.94 10.28
C ARG A 751 2.24 27.97 8.77
N ALA A 752 2.38 29.18 8.23
CA ALA A 752 2.69 29.35 6.82
C ALA A 752 3.97 28.59 6.48
N SER A 753 4.02 28.05 5.27
CA SER A 753 5.20 27.37 4.80
C SER A 753 5.78 27.96 3.52
N LEU A 754 5.12 28.92 2.89
CA LEU A 754 5.66 29.64 1.75
C LEU A 754 5.62 31.15 2.02
N LYS A 755 6.69 31.85 1.66
CA LYS A 755 6.66 33.31 1.74
C LYS A 755 5.77 33.86 0.63
N LYS A 756 4.92 34.82 0.98
CA LYS A 756 4.01 35.42 0.01
C LYS A 756 4.77 35.89 -1.24
N GLU A 757 5.77 36.74 -1.04
CA GLU A 757 6.48 37.33 -2.19
C GLU A 757 7.18 36.28 -3.05
N GLU A 758 7.36 35.05 -2.57
CA GLU A 758 8.02 34.01 -3.33
C GLU A 758 7.08 33.21 -4.22
N LEU A 759 5.80 33.54 -4.27
CA LEU A 759 4.81 32.72 -4.97
C LEU A 759 4.75 33.03 -6.45
N VAL A 760 4.33 32.03 -7.24
CA VAL A 760 4.04 32.26 -8.65
C VAL A 760 2.78 33.12 -8.75
N VAL A 761 2.85 34.16 -9.58
CA VAL A 761 1.85 35.22 -9.62
C VAL A 761 1.42 35.39 -11.07
N HIS A 762 0.11 35.27 -11.32
CA HIS A 762 -0.44 35.76 -12.59
C HIS A 762 -1.03 37.15 -12.34
N PRO A 763 -0.37 38.21 -12.81
CA PRO A 763 -0.77 39.56 -12.40
C PRO A 763 -2.03 40.04 -13.09
N ALA A 764 -2.77 40.86 -12.35
CA ALA A 764 -4.01 41.44 -12.85
C ALA A 764 -3.81 42.08 -14.22
N ASN A 765 -4.78 41.83 -15.10
CA ASN A 765 -4.94 42.49 -16.39
C ASN A 765 -3.90 42.04 -17.43
N SER A 766 -3.37 40.84 -17.26
CA SER A 766 -2.55 40.20 -18.26
C SER A 766 -3.13 38.82 -18.56
N PRO A 767 -3.34 38.47 -19.82
CA PRO A 767 -4.08 37.24 -20.14
C PRO A 767 -3.33 35.99 -19.72
N ILE A 768 -4.05 35.06 -19.08
CA ILE A 768 -3.50 33.76 -18.69
C ILE A 768 -3.91 32.73 -19.72
N ALA A 769 -2.98 31.86 -20.11
CA ALA A 769 -3.32 30.81 -21.06
C ALA A 769 -4.18 29.77 -20.37
N ASN A 770 -5.26 29.37 -21.02
CA ASN A 770 -6.04 28.24 -20.54
C ASN A 770 -5.40 26.95 -21.04
N LYS A 771 -5.42 25.92 -20.20
CA LYS A 771 -4.64 24.72 -20.48
C LYS A 771 -5.46 23.62 -21.12
N ASN A 772 -6.77 23.75 -21.18
CA ASN A 772 -7.62 22.70 -21.70
C ASN A 772 -7.74 22.85 -23.22
N PRO A 773 -7.12 21.99 -24.02
CA PRO A 773 -7.13 22.20 -25.49
C PRO A 773 -8.52 22.11 -26.07
N ASP A 774 -9.47 21.51 -25.37
CA ASP A 774 -10.86 21.47 -25.83
C ASP A 774 -11.65 22.71 -25.40
N ASN A 775 -11.03 23.64 -24.66
CA ASN A 775 -11.68 24.88 -24.27
C ASN A 775 -11.45 25.94 -25.35
N PRO A 776 -12.51 26.39 -26.04
CA PRO A 776 -12.33 27.36 -27.13
C PRO A 776 -12.03 28.78 -26.66
N LYS A 777 -12.27 29.11 -25.40
CA LYS A 777 -11.75 30.34 -24.81
C LYS A 777 -10.31 30.04 -24.41
N LYS A 778 -9.36 30.56 -25.19
CA LYS A 778 -7.97 30.19 -25.00
C LYS A 778 -7.31 30.98 -23.89
N THR A 779 -7.87 32.12 -23.53
CA THR A 779 -7.27 33.02 -22.56
C THR A 779 -8.32 33.46 -21.53
N THR A 780 -7.86 33.69 -20.31
CA THR A 780 -8.65 34.32 -19.26
C THR A 780 -7.90 35.52 -18.72
N THR A 781 -8.60 36.66 -18.59
CA THR A 781 -8.03 37.90 -18.06
C THR A 781 -8.85 38.40 -16.89
N LEU A 782 -8.23 38.48 -15.73
CA LEU A 782 -8.84 38.90 -14.48
C LEU A 782 -8.28 40.26 -14.06
N SER A 783 -9.03 40.96 -13.20
CA SER A 783 -8.64 42.27 -12.69
C SER A 783 -7.88 42.20 -11.36
N TYR A 784 -7.49 41.00 -10.93
CA TYR A 784 -6.82 40.77 -9.66
C TYR A 784 -5.72 39.74 -9.88
N ASP A 785 -4.69 39.77 -9.04
CA ASP A 785 -3.62 38.78 -9.13
C ASP A 785 -4.10 37.42 -8.62
N VAL A 786 -3.54 36.35 -9.17
CA VAL A 786 -3.86 35.00 -8.70
C VAL A 786 -2.55 34.26 -8.42
N TYR A 787 -2.42 33.74 -7.21
CA TYR A 787 -1.16 33.23 -6.69
C TYR A 787 -1.19 31.72 -6.62
N LYS A 788 -0.09 31.09 -7.00
CA LYS A 788 0.04 29.66 -6.78
C LYS A 788 0.12 29.38 -5.28
N ASP A 789 -0.56 28.32 -4.86
CA ASP A 789 -0.43 27.78 -3.50
C ASP A 789 -0.65 28.86 -2.43
N LYS A 790 -1.57 29.79 -2.72
CA LYS A 790 -1.80 30.94 -1.84
C LYS A 790 -2.04 30.54 -0.38
N ARG A 791 -2.83 29.48 -0.17
CA ARG A 791 -3.23 29.08 1.18
C ARG A 791 -2.05 28.68 2.09
N PHE A 792 -0.92 28.26 1.53
CA PHE A 792 0.21 27.90 2.38
C PHE A 792 1.11 29.09 2.71
N SER A 793 0.78 30.29 2.23
CA SER A 793 1.57 31.48 2.47
C SER A 793 1.06 32.32 3.64
N GLU A 794 0.00 31.90 4.31
CA GLU A 794 -0.44 32.54 5.54
C GLU A 794 -0.74 31.46 6.57
N ASP A 795 -0.40 31.74 7.83
CA ASP A 795 -0.84 30.92 8.95
C ASP A 795 -2.33 30.62 8.82
N GLN A 796 -2.71 29.36 9.03
CA GLN A 796 -4.10 28.95 8.94
C GLN A 796 -4.49 28.10 10.15
N TYR A 797 -5.61 28.48 10.78
CA TYR A 797 -6.32 27.64 11.73
C TYR A 797 -7.21 26.63 11.01
N GLU A 798 -7.25 25.39 11.50
CA GLU A 798 -8.15 24.41 10.91
C GLU A 798 -8.93 23.65 11.98
N LEU A 799 -10.21 23.49 11.72
CA LEU A 799 -11.14 22.85 12.64
C LEU A 799 -11.57 21.53 12.03
N HIS A 800 -11.48 20.46 12.81
CA HIS A 800 -11.84 19.10 12.41
C HIS A 800 -13.07 18.70 13.21
N ILE A 801 -14.15 18.36 12.51
CA ILE A 801 -15.44 18.12 13.15
C ILE A 801 -15.92 16.70 12.85
N PRO A 802 -16.03 15.83 13.83
CA PRO A 802 -16.53 14.49 13.56
C PRO A 802 -18.05 14.48 13.51
N ILE A 803 -18.59 13.65 12.63
CA ILE A 803 -20.01 13.42 12.53
C ILE A 803 -20.26 11.92 12.56
N ALA A 804 -21.50 11.56 12.86
CA ALA A 804 -21.94 10.18 12.94
C ALA A 804 -23.13 10.01 12.00
N ILE A 805 -23.03 9.06 11.08
CA ILE A 805 -24.07 8.78 10.10
C ILE A 805 -24.81 7.50 10.47
N ASN A 806 -26.15 7.56 10.40
CA ASN A 806 -27.02 6.42 10.71
C ASN A 806 -26.71 5.83 12.09
N LYS A 807 -26.62 6.72 13.09
CA LYS A 807 -26.28 6.24 14.43
C LYS A 807 -27.26 5.18 14.91
N CYS A 808 -28.50 5.20 14.41
CA CYS A 808 -29.55 4.29 14.87
C CYS A 808 -30.16 3.56 13.67
N PRO A 809 -29.46 2.57 13.14
CA PRO A 809 -29.93 1.91 11.92
C PRO A 809 -31.21 1.12 12.15
N LYS A 810 -32.16 1.25 11.22
CA LYS A 810 -33.38 0.46 11.26
C LYS A 810 -33.43 -0.66 10.23
N ASN A 811 -32.49 -0.70 9.28
CA ASN A 811 -32.48 -1.71 8.24
C ASN A 811 -31.36 -2.70 8.44
N ILE A 812 -31.44 -3.45 9.55
CA ILE A 812 -30.44 -4.43 9.92
C ILE A 812 -30.77 -5.73 9.19
N PHE A 813 -29.99 -6.03 8.17
CA PHE A 813 -30.02 -7.35 7.54
C PHE A 813 -28.61 -7.65 7.07
N LYS A 814 -28.34 -8.93 6.83
CA LYS A 814 -27.09 -9.29 6.20
C LYS A 814 -27.10 -8.74 4.76
N ILE A 815 -26.25 -7.73 4.51
CA ILE A 815 -26.24 -7.03 3.22
C ILE A 815 -25.95 -7.99 2.06
N ASN A 816 -25.00 -8.92 2.25
CA ASN A 816 -24.69 -9.89 1.19
C ASN A 816 -25.91 -10.73 0.86
N THR A 817 -26.66 -11.17 1.89
CA THR A 817 -27.83 -12.01 1.65
C THR A 817 -28.92 -11.25 0.89
N GLU A 818 -29.12 -9.98 1.23
CA GLU A 818 -30.16 -9.19 0.58
C GLU A 818 -29.87 -9.04 -0.90
N VAL A 819 -28.61 -8.74 -1.26
CA VAL A 819 -28.24 -8.62 -2.68
C VAL A 819 -28.56 -9.91 -3.43
N ARG A 820 -28.24 -11.07 -2.84
CA ARG A 820 -28.47 -12.33 -3.53
C ARG A 820 -29.96 -12.57 -3.75
N VAL A 821 -30.79 -12.33 -2.72
CA VAL A 821 -32.23 -12.39 -2.90
C VAL A 821 -32.68 -11.48 -4.04
N LEU A 822 -32.21 -10.23 -4.02
CA LEU A 822 -32.64 -9.28 -5.04
C LEU A 822 -32.21 -9.71 -6.43
N LEU A 823 -30.98 -10.21 -6.57
CA LEU A 823 -30.53 -10.68 -7.88
C LEU A 823 -31.36 -11.86 -8.34
N LYS A 824 -31.73 -12.75 -7.40
CA LYS A 824 -32.50 -13.93 -7.78
C LYS A 824 -33.81 -13.54 -8.48
N HIS A 825 -34.51 -12.55 -7.94
CA HIS A 825 -35.82 -12.20 -8.46
C HIS A 825 -35.79 -11.06 -9.48
N ASP A 826 -34.61 -10.56 -9.84
CA ASP A 826 -34.49 -9.55 -10.88
C ASP A 826 -34.47 -10.24 -12.24
N ASP A 827 -35.39 -9.85 -13.13
CA ASP A 827 -35.52 -10.52 -14.41
C ASP A 827 -34.47 -10.10 -15.44
N ASN A 828 -33.69 -9.09 -15.14
CA ASN A 828 -32.69 -8.60 -16.08
C ASN A 828 -31.65 -7.77 -15.33
N PRO A 829 -30.81 -8.39 -14.50
CA PRO A 829 -29.86 -7.61 -13.70
C PRO A 829 -28.59 -7.27 -14.45
N TYR A 830 -28.15 -6.02 -14.34
CA TYR A 830 -26.99 -5.50 -15.05
C TYR A 830 -25.71 -5.73 -14.25
N VAL A 831 -24.58 -5.79 -14.96
CA VAL A 831 -23.28 -6.00 -14.32
C VAL A 831 -22.27 -5.03 -14.92
N ILE A 832 -21.52 -4.35 -14.05
CA ILE A 832 -20.38 -3.53 -14.42
C ILE A 832 -19.14 -4.38 -14.20
N GLY A 833 -18.50 -4.80 -15.28
CA GLY A 833 -17.27 -5.57 -15.19
C GLY A 833 -16.07 -4.66 -15.27
N ILE A 834 -15.10 -4.90 -14.41
CA ILE A 834 -13.97 -3.98 -14.25
C ILE A 834 -12.67 -4.77 -14.28
N ASP A 835 -11.92 -4.65 -15.38
CA ASP A 835 -10.61 -5.26 -15.55
C ASP A 835 -9.53 -4.30 -15.09
N ARG A 836 -8.62 -4.78 -14.26
CA ARG A 836 -7.60 -3.95 -13.62
C ARG A 836 -6.26 -4.34 -14.19
N GLY A 837 -5.52 -3.36 -14.69
CA GLY A 837 -4.26 -3.65 -15.34
C GLY A 837 -3.29 -2.48 -15.29
N GLU A 838 -2.33 -2.48 -16.22
CA GLU A 838 -1.33 -1.43 -16.28
C GLU A 838 -1.22 -0.84 -17.68
N ARG A 839 -1.51 -1.62 -18.73
CA ARG A 839 -1.67 -1.03 -20.06
C ARG A 839 -2.92 -0.15 -20.11
N ASN A 840 -4.07 -0.69 -19.67
CA ASN A 840 -5.20 0.12 -19.24
C ASN A 840 -5.30 -0.01 -17.72
N LEU A 841 -5.25 1.12 -17.02
CA LEU A 841 -5.36 1.10 -15.57
C LEU A 841 -6.63 0.41 -15.15
N LEU A 842 -7.75 0.82 -15.73
CA LEU A 842 -9.06 0.25 -15.48
C LEU A 842 -9.82 0.22 -16.80
N TYR A 843 -10.50 -0.89 -17.07
CA TYR A 843 -11.36 -1.00 -18.25
C TYR A 843 -12.74 -1.45 -17.79
N ILE A 844 -13.76 -0.80 -18.33
CA ILE A 844 -15.15 -0.98 -17.92
C ILE A 844 -15.91 -1.63 -19.07
N VAL A 845 -16.68 -2.66 -18.77
CA VAL A 845 -17.71 -3.16 -19.66
C VAL A 845 -18.98 -3.36 -18.84
N VAL A 846 -20.09 -2.76 -19.29
CA VAL A 846 -21.41 -2.98 -18.70
C VAL A 846 -22.19 -3.96 -19.56
N VAL A 847 -22.70 -5.04 -18.95
CA VAL A 847 -23.58 -5.96 -19.64
C VAL A 847 -24.97 -5.92 -19.01
N ASP A 848 -25.97 -6.35 -19.80
CA ASP A 848 -27.31 -6.60 -19.29
C ASP A 848 -27.43 -8.07 -18.83
N GLY A 849 -28.62 -8.44 -18.35
CA GLY A 849 -28.82 -9.76 -17.76
C GLY A 849 -28.71 -10.92 -18.72
N LYS A 850 -28.58 -10.65 -20.03
CA LYS A 850 -28.31 -11.69 -21.00
C LYS A 850 -26.86 -11.66 -21.50
N GLY A 851 -26.05 -10.73 -21.00
CA GLY A 851 -24.67 -10.65 -21.41
C GLY A 851 -24.40 -9.83 -22.66
N ASN A 852 -25.37 -9.01 -23.09
CA ASN A 852 -25.15 -8.07 -24.17
C ASN A 852 -24.33 -6.90 -23.66
N ILE A 853 -23.28 -6.56 -24.41
CA ILE A 853 -22.45 -5.41 -24.03
C ILE A 853 -23.28 -4.13 -24.24
N VAL A 854 -23.46 -3.37 -23.16
CA VAL A 854 -24.21 -2.13 -23.22
C VAL A 854 -23.28 -0.91 -23.33
N GLU A 855 -22.17 -0.93 -22.59
CA GLU A 855 -21.17 0.13 -22.61
C GLU A 855 -19.78 -0.50 -22.48
N GLN A 856 -18.79 0.09 -23.14
CA GLN A 856 -17.41 -0.37 -22.97
C GLN A 856 -16.44 0.77 -23.30
N TYR A 857 -15.45 0.96 -22.41
CA TYR A 857 -14.44 2.00 -22.57
C TYR A 857 -13.36 1.81 -21.52
N SER A 858 -12.13 2.19 -21.90
CA SER A 858 -11.01 2.34 -21.00
C SER A 858 -11.20 3.57 -20.11
N LEU A 859 -10.50 3.56 -18.98
CA LEU A 859 -10.45 4.71 -18.08
C LEU A 859 -9.03 5.21 -17.90
N ASN A 860 -8.16 4.95 -18.87
CA ASN A 860 -6.90 5.67 -18.94
C ASN A 860 -7.13 7.17 -19.02
N GLU A 861 -8.19 7.60 -19.68
CA GLU A 861 -8.56 9.00 -19.76
C GLU A 861 -9.94 9.19 -19.16
N ILE A 862 -10.14 10.33 -18.50
CA ILE A 862 -11.41 10.69 -17.89
C ILE A 862 -12.03 11.82 -18.69
N ILE A 863 -13.25 11.60 -19.18
CA ILE A 863 -13.99 12.59 -19.95
C ILE A 863 -15.02 13.27 -19.05
N ASN A 864 -14.95 14.59 -18.97
CA ASN A 864 -15.94 15.37 -18.25
C ASN A 864 -16.47 16.47 -19.17
N ASN A 865 -17.75 16.78 -19.05
CA ASN A 865 -18.40 17.89 -19.76
C ASN A 865 -19.04 18.81 -18.73
N PHE A 866 -18.77 20.11 -18.84
CA PHE A 866 -19.48 21.08 -18.03
C PHE A 866 -19.45 22.44 -18.73
N ASN A 867 -20.64 23.06 -18.84
CA ASN A 867 -20.83 24.33 -19.55
C ASN A 867 -20.55 24.16 -21.05
N GLY A 868 -20.96 23.03 -21.61
CA GLY A 868 -20.68 22.73 -23.01
C GLY A 868 -19.24 22.36 -23.26
N ILE A 869 -18.34 22.83 -22.38
CA ILE A 869 -16.92 22.55 -22.50
C ILE A 869 -16.67 21.07 -22.20
N ARG A 870 -15.88 20.43 -23.06
CA ARG A 870 -15.40 19.09 -22.81
C ARG A 870 -13.99 19.14 -22.21
N ILE A 871 -13.69 18.21 -21.31
CA ILE A 871 -12.32 18.06 -20.83
C ILE A 871 -11.97 16.58 -20.78
N LYS A 872 -10.74 16.29 -21.19
CA LYS A 872 -10.20 14.94 -21.22
C LYS A 872 -8.88 15.01 -20.48
N THR A 873 -8.73 14.21 -19.44
CA THR A 873 -7.48 14.14 -18.71
C THR A 873 -6.92 12.73 -18.83
N ASP A 874 -5.70 12.64 -19.36
CA ASP A 874 -4.98 11.38 -19.54
C ASP A 874 -4.22 11.03 -18.26
N TYR A 875 -4.94 10.47 -17.28
CA TYR A 875 -4.31 10.14 -16.01
C TYR A 875 -3.25 9.05 -16.15
N HIS A 876 -3.45 8.09 -17.06
CA HIS A 876 -2.40 7.12 -17.35
C HIS A 876 -1.10 7.80 -17.77
N SER A 877 -1.19 8.90 -18.52
CA SER A 877 0.01 9.66 -18.86
C SER A 877 0.57 10.40 -17.65
N LEU A 878 -0.32 11.04 -16.88
CA LEU A 878 0.14 11.79 -15.71
C LEU A 878 0.84 10.86 -14.72
N LEU A 879 0.23 9.71 -14.39
CA LEU A 879 0.88 8.76 -13.47
C LEU A 879 2.17 8.20 -14.07
N ASP A 880 2.18 7.91 -15.36
CA ASP A 880 3.41 7.45 -15.98
C ASP A 880 4.51 8.50 -15.86
N LYS A 881 4.16 9.77 -16.09
CA LYS A 881 5.12 10.85 -15.85
C LYS A 881 5.62 10.83 -14.41
N LYS A 882 4.71 10.88 -13.44
CA LYS A 882 5.09 10.97 -12.04
C LYS A 882 5.97 9.79 -11.65
N GLU A 883 5.63 8.59 -12.13
CA GLU A 883 6.41 7.40 -11.84
C GLU A 883 7.85 7.53 -12.36
N LYS A 884 8.03 8.18 -13.52
CA LYS A 884 9.37 8.36 -14.08
C LYS A 884 10.14 9.50 -13.40
N GLU A 885 9.46 10.59 -13.01
CA GLU A 885 10.11 11.63 -12.23
C GLU A 885 10.63 11.09 -10.90
N ARG A 886 9.89 10.17 -10.28
CA ARG A 886 10.33 9.57 -9.03
C ARG A 886 11.50 8.61 -9.24
N PHE A 887 11.49 7.83 -10.33
CA PHE A 887 12.60 6.94 -10.61
C PHE A 887 13.88 7.73 -10.87
N GLU A 888 13.76 8.89 -11.53
CA GLU A 888 14.93 9.72 -11.81
C GLU A 888 15.42 10.43 -10.54
N ALA A 889 14.49 10.92 -9.72
CA ALA A 889 14.90 11.60 -8.51
C ALA A 889 15.70 10.67 -7.62
N ARG A 890 15.31 9.39 -7.58
CA ARG A 890 16.01 8.43 -6.74
C ARG A 890 17.43 8.25 -7.20
N GLN A 891 17.64 8.17 -8.52
CA GLN A 891 18.99 7.96 -9.02
C GLN A 891 19.81 9.23 -9.06
N ASN A 892 19.19 10.41 -9.08
CA ASN A 892 19.94 11.66 -9.18
C ASN A 892 20.12 12.37 -7.85
N TRP A 893 19.53 11.85 -6.77
CA TRP A 893 19.53 12.49 -5.46
C TRP A 893 18.78 13.83 -5.49
N THR A 894 17.72 13.92 -6.27
CA THR A 894 16.86 15.10 -6.29
C THR A 894 15.55 14.75 -5.59
N SER A 895 14.64 15.71 -5.55
CA SER A 895 13.45 15.57 -4.73
C SER A 895 12.52 14.48 -5.27
N ILE A 896 12.20 13.49 -4.43
CA ILE A 896 11.23 12.46 -4.77
C ILE A 896 9.82 12.99 -4.45
N GLU A 897 9.01 13.15 -5.47
CA GLU A 897 7.72 13.77 -5.29
C GLU A 897 6.65 12.70 -5.03
N ASN A 898 5.54 13.14 -4.44
CA ASN A 898 4.45 12.24 -4.12
C ASN A 898 3.75 11.77 -5.38
N ILE A 899 3.23 10.54 -5.34
CA ILE A 899 2.31 10.07 -6.38
C ILE A 899 0.92 9.73 -5.82
N LYS A 900 0.76 9.55 -4.51
CA LYS A 900 -0.51 9.03 -3.99
C LYS A 900 -1.65 10.03 -4.13
N GLU A 901 -1.36 11.34 -4.08
CA GLU A 901 -2.43 12.30 -4.28
C GLU A 901 -2.95 12.23 -5.71
N LEU A 902 -2.04 12.03 -6.68
CA LEU A 902 -2.43 11.97 -8.08
C LEU A 902 -3.27 10.74 -8.33
N LYS A 903 -2.83 9.60 -7.78
CA LYS A 903 -3.64 8.39 -7.75
C LYS A 903 -5.02 8.66 -7.18
N ALA A 904 -5.05 9.25 -5.99
CA ALA A 904 -6.34 9.53 -5.35
C ALA A 904 -7.19 10.42 -6.25
N GLY A 905 -6.59 11.48 -6.83
CA GLY A 905 -7.33 12.33 -7.74
C GLY A 905 -7.90 11.56 -8.92
N TYR A 906 -7.06 10.72 -9.54
CA TYR A 906 -7.54 9.87 -10.62
C TYR A 906 -8.65 8.93 -10.14
N ILE A 907 -8.41 8.20 -9.04
CA ILE A 907 -9.38 7.21 -8.57
C ILE A 907 -10.72 7.87 -8.21
N SER A 908 -10.71 9.12 -7.75
CA SER A 908 -11.98 9.73 -7.38
C SER A 908 -12.86 9.95 -8.62
N GLN A 909 -12.25 10.32 -9.75
CA GLN A 909 -12.99 10.40 -11.00
C GLN A 909 -13.56 9.03 -11.40
N VAL A 910 -12.71 7.99 -11.32
CA VAL A 910 -13.15 6.63 -11.60
C VAL A 910 -14.36 6.25 -10.73
N VAL A 911 -14.20 6.36 -9.40
CA VAL A 911 -15.28 5.99 -8.47
C VAL A 911 -16.56 6.77 -8.78
N HIS A 912 -16.44 8.07 -9.07
CA HIS A 912 -17.64 8.84 -9.42
C HIS A 912 -18.33 8.26 -10.64
N LYS A 913 -17.56 7.87 -11.66
CA LYS A 913 -18.19 7.32 -12.87
C LYS A 913 -18.82 5.97 -12.60
N ILE A 914 -18.26 5.18 -11.68
CA ILE A 914 -18.82 3.87 -11.38
C ILE A 914 -20.11 4.04 -10.59
N CYS A 915 -20.16 5.04 -9.72
CA CYS A 915 -21.40 5.28 -8.97
C CYS A 915 -22.53 5.70 -9.90
N GLU A 916 -22.23 6.48 -10.93
CA GLU A 916 -23.26 6.84 -11.90
C GLU A 916 -23.74 5.60 -12.65
N LEU A 917 -22.81 4.71 -13.03
CA LEU A 917 -23.20 3.47 -13.68
C LEU A 917 -24.06 2.61 -12.76
N VAL A 918 -23.66 2.47 -11.50
CA VAL A 918 -24.44 1.70 -10.53
C VAL A 918 -25.87 2.25 -10.43
N GLU A 919 -25.99 3.58 -10.33
CA GLU A 919 -27.32 4.19 -10.24
C GLU A 919 -28.06 4.07 -11.57
N LYS A 920 -27.37 4.27 -12.69
CA LYS A 920 -28.05 4.27 -13.98
C LYS A 920 -28.66 2.90 -14.28
N TYR A 921 -27.90 1.84 -14.02
CA TYR A 921 -28.28 0.49 -14.42
C TYR A 921 -28.68 -0.39 -13.25
N ASP A 922 -28.75 0.13 -12.01
CA ASP A 922 -29.04 -0.71 -10.84
C ASP A 922 -28.10 -1.93 -10.78
N ALA A 923 -26.81 -1.71 -11.10
CA ALA A 923 -25.92 -2.82 -11.41
C ALA A 923 -25.03 -3.21 -10.26
N VAL A 924 -24.71 -4.50 -10.18
CA VAL A 924 -23.66 -4.97 -9.28
C VAL A 924 -22.32 -4.86 -10.00
N ILE A 925 -21.23 -5.06 -9.27
CA ILE A 925 -19.87 -4.84 -9.77
C ILE A 925 -19.10 -6.15 -9.72
N ALA A 926 -18.41 -6.46 -10.83
CA ALA A 926 -17.64 -7.68 -11.00
C ALA A 926 -16.16 -7.33 -11.09
N LEU A 927 -15.35 -8.03 -10.29
CA LEU A 927 -13.91 -7.83 -10.23
C LEU A 927 -13.21 -9.19 -10.20
N GLU A 928 -11.91 -9.16 -10.54
CA GLU A 928 -11.10 -10.36 -10.43
C GLU A 928 -10.77 -10.65 -8.98
N ASP A 929 -10.97 -11.90 -8.55
CA ASP A 929 -10.50 -12.32 -7.23
C ASP A 929 -8.97 -12.30 -7.25
N LEU A 930 -8.40 -11.10 -7.11
CA LEU A 930 -6.95 -10.91 -7.06
C LEU A 930 -6.51 -11.13 -5.62
N ASN A 931 -5.81 -12.22 -5.39
CA ASN A 931 -5.32 -12.51 -4.06
C ASN A 931 -4.35 -11.40 -3.63
N SER A 932 -4.40 -11.05 -2.35
CA SER A 932 -3.34 -10.24 -1.77
C SER A 932 -2.03 -11.02 -1.88
N GLY A 933 -1.12 -10.56 -2.74
CA GLY A 933 0.01 -11.35 -3.12
C GLY A 933 0.36 -11.14 -4.58
N PHE A 934 -0.63 -11.30 -5.46
CA PHE A 934 -0.49 -10.72 -6.79
C PHE A 934 -0.37 -9.19 -6.71
N LYS A 935 -1.07 -8.57 -5.75
CA LYS A 935 -1.11 -7.11 -5.68
C LYS A 935 0.21 -6.51 -5.19
N ASN A 936 0.92 -7.19 -4.27
CA ASN A 936 2.21 -6.67 -3.83
C ASN A 936 3.29 -6.85 -4.90
N SER A 937 3.16 -7.86 -5.78
CA SER A 937 4.15 -8.09 -6.83
C SER A 937 4.08 -7.06 -7.94
N ARG A 938 2.97 -6.33 -8.07
CA ARG A 938 2.83 -5.26 -9.05
C ARG A 938 3.01 -3.87 -8.43
N VAL A 939 3.35 -3.80 -7.13
CA VAL A 939 3.54 -2.51 -6.47
C VAL A 939 4.81 -1.82 -6.93
N LYS A 940 5.74 -2.58 -7.54
CA LYS A 940 6.94 -1.99 -8.12
C LYS A 940 6.64 -1.11 -9.33
N VAL A 941 5.49 -1.31 -9.99
CA VAL A 941 5.04 -0.44 -11.09
C VAL A 941 4.20 0.68 -10.44
N GLU A 942 4.88 1.77 -10.04
CA GLU A 942 4.28 2.77 -9.14
C GLU A 942 3.03 3.45 -9.70
N LYS A 943 2.72 3.26 -10.98
CA LYS A 943 1.43 3.61 -11.55
C LYS A 943 0.30 2.76 -11.00
N GLN A 944 0.63 1.66 -10.30
CA GLN A 944 -0.33 0.67 -9.82
C GLN A 944 -1.46 1.31 -9.02
N VAL A 945 -2.66 0.76 -9.15
CA VAL A 945 -3.85 1.44 -8.65
C VAL A 945 -4.89 0.43 -8.14
N TYR A 946 -4.59 -0.88 -8.26
CA TYR A 946 -5.50 -1.96 -7.90
C TYR A 946 -6.11 -1.77 -6.51
N GLN A 947 -5.27 -1.66 -5.48
CA GLN A 947 -5.75 -1.67 -4.10
C GLN A 947 -6.30 -0.31 -3.68
N LYS A 948 -5.66 0.79 -4.09
CA LYS A 948 -6.24 2.11 -3.81
C LYS A 948 -7.59 2.28 -4.48
N PHE A 949 -7.71 1.83 -5.73
CA PHE A 949 -9.02 1.79 -6.37
C PHE A 949 -10.03 1.03 -5.51
N GLU A 950 -9.62 -0.10 -4.94
CA GLU A 950 -10.57 -0.89 -4.14
C GLU A 950 -10.97 -0.13 -2.87
N LYS A 951 -9.99 0.42 -2.17
CA LYS A 951 -10.28 1.07 -0.89
C LYS A 951 -11.25 2.25 -1.09
N MET A 952 -10.98 3.10 -2.08
CA MET A 952 -11.86 4.26 -2.27
C MET A 952 -13.22 3.87 -2.81
N LEU A 953 -13.29 2.83 -3.66
CA LEU A 953 -14.60 2.36 -4.12
C LEU A 953 -15.42 1.78 -2.96
N ILE A 954 -14.84 0.87 -2.18
CA ILE A 954 -15.56 0.31 -1.04
C ILE A 954 -15.99 1.41 -0.08
N ASP A 955 -15.09 2.38 0.19
CA ASP A 955 -15.42 3.48 1.09
C ASP A 955 -16.64 4.25 0.61
N LYS A 956 -16.63 4.67 -0.66
CA LYS A 956 -17.76 5.41 -1.19
C LYS A 956 -19.05 4.60 -1.12
N LEU A 957 -18.98 3.29 -1.29
CA LEU A 957 -20.20 2.51 -1.29
C LEU A 957 -20.68 2.17 0.12
N ASN A 958 -19.88 2.50 1.15
CA ASN A 958 -20.36 2.44 2.53
C ASN A 958 -21.43 3.49 2.80
N TYR A 959 -21.35 4.64 2.14
CA TYR A 959 -22.38 5.68 2.24
C TYR A 959 -22.31 6.48 0.94
N MET A 960 -23.15 6.09 -0.01
CA MET A 960 -23.06 6.58 -1.38
C MET A 960 -24.18 7.58 -1.62
N VAL A 961 -23.78 8.79 -1.97
CA VAL A 961 -24.66 9.93 -2.07
C VAL A 961 -24.47 10.56 -3.46
N ASP A 962 -25.55 10.64 -4.23
CA ASP A 962 -25.60 11.59 -5.31
C ASP A 962 -25.84 12.97 -4.70
N LYS A 963 -24.80 13.80 -4.68
CA LYS A 963 -24.93 15.09 -4.02
C LYS A 963 -25.83 16.06 -4.79
N LYS A 964 -26.25 15.71 -6.00
CA LYS A 964 -27.25 16.54 -6.67
C LYS A 964 -28.68 16.21 -6.22
N SER A 965 -28.92 14.98 -5.75
CA SER A 965 -30.23 14.54 -5.30
C SER A 965 -30.79 15.47 -4.24
N ASN A 966 -32.11 15.47 -4.10
CA ASN A 966 -32.73 16.07 -2.92
C ASN A 966 -32.19 15.36 -1.68
N PRO A 967 -31.74 16.09 -0.66
CA PRO A 967 -31.17 15.43 0.52
C PRO A 967 -32.08 14.40 1.18
N CYS A 968 -33.40 14.56 1.07
CA CYS A 968 -34.34 13.59 1.63
C CYS A 968 -34.73 12.51 0.64
N ALA A 969 -34.23 12.58 -0.59
CA ALA A 969 -34.43 11.49 -1.53
C ALA A 969 -33.56 10.29 -1.17
N THR A 970 -34.02 9.11 -1.54
CA THR A 970 -33.17 7.94 -1.50
C THR A 970 -31.90 8.22 -2.32
N GLY A 971 -30.75 8.11 -1.67
CA GLY A 971 -29.49 8.40 -2.32
C GLY A 971 -29.05 9.84 -2.20
N GLY A 972 -29.87 10.69 -1.58
CA GLY A 972 -29.39 11.98 -1.14
C GLY A 972 -28.57 11.87 0.14
N ALA A 973 -28.13 13.04 0.62
CA ALA A 973 -27.12 13.06 1.66
C ALA A 973 -27.63 12.53 3.00
N LEU A 974 -28.94 12.56 3.25
CA LEU A 974 -29.48 12.02 4.48
C LEU A 974 -29.91 10.58 4.35
N LYS A 975 -29.99 10.04 3.14
CA LYS A 975 -30.44 8.67 2.91
C LYS A 975 -29.48 7.97 1.95
N GLY A 976 -28.17 8.12 2.20
CA GLY A 976 -27.13 7.49 1.40
C GLY A 976 -27.29 5.97 1.22
N TYR A 977 -26.89 5.44 0.05
CA TYR A 977 -26.95 4.00 -0.18
C TYR A 977 -25.77 3.31 0.51
N GLN A 978 -26.03 2.13 1.05
CA GLN A 978 -25.02 1.36 1.79
C GLN A 978 -24.95 -0.02 1.16
N ILE A 979 -24.14 -0.15 0.10
CA ILE A 979 -24.14 -1.35 -0.71
C ILE A 979 -22.82 -2.15 -0.61
N THR A 980 -21.86 -1.68 0.18
CA THR A 980 -20.80 -2.57 0.68
C THR A 980 -20.89 -2.66 2.20
N ASN A 981 -20.41 -3.77 2.74
CA ASN A 981 -20.37 -3.88 4.19
C ASN A 981 -19.37 -2.89 4.75
N LYS A 982 -19.58 -2.52 6.01
CA LYS A 982 -18.76 -1.51 6.65
C LYS A 982 -17.28 -1.89 6.56
N PHE A 983 -16.47 -1.02 5.96
CA PHE A 983 -15.07 -1.35 5.79
C PHE A 983 -14.41 -1.49 7.16
N GLU A 984 -14.11 -2.72 7.55
CA GLU A 984 -13.27 -2.97 8.70
C GLU A 984 -11.82 -3.22 8.30
N SER A 985 -11.59 -4.10 7.33
CA SER A 985 -10.24 -4.39 6.85
C SER A 985 -10.31 -5.25 5.59
N PHE A 986 -9.19 -5.28 4.86
CA PHE A 986 -9.04 -6.22 3.75
C PHE A 986 -8.93 -7.65 4.25
N LYS A 987 -8.06 -7.87 5.23
CA LYS A 987 -7.89 -9.10 5.98
C LYS A 987 -9.16 -9.91 6.18
N SER A 988 -10.30 -9.24 6.38
CA SER A 988 -11.54 -9.88 6.80
C SER A 988 -12.59 -9.96 5.69
N MET A 989 -12.22 -9.67 4.45
CA MET A 989 -13.19 -9.64 3.36
C MET A 989 -13.32 -11.02 2.72
N SER A 990 -14.52 -11.31 2.22
CA SER A 990 -14.75 -12.51 1.46
C SER A 990 -14.78 -12.14 -0.03
N THR A 991 -15.28 -13.06 -0.88
CA THR A 991 -15.36 -12.78 -2.32
C THR A 991 -16.63 -12.06 -2.71
N GLN A 992 -17.54 -11.82 -1.78
CA GLN A 992 -18.65 -10.91 -2.00
C GLN A 992 -18.58 -9.79 -0.96
N ASN A 993 -18.68 -8.55 -1.44
CA ASN A 993 -18.77 -7.39 -0.55
C ASN A 993 -20.00 -6.59 -0.98
N GLY A 994 -21.18 -7.03 -0.55
CA GLY A 994 -22.41 -6.40 -0.98
C GLY A 994 -22.65 -6.49 -2.48
N PHE A 995 -22.67 -5.32 -3.15
CA PHE A 995 -22.86 -5.23 -4.60
C PHE A 995 -21.61 -5.59 -5.39
N ILE A 996 -20.47 -5.86 -4.74
CA ILE A 996 -19.20 -6.17 -5.39
C ILE A 996 -18.96 -7.67 -5.29
N PHE A 997 -18.75 -8.32 -6.44
CA PHE A 997 -18.41 -9.76 -6.48
C PHE A 997 -17.03 -9.96 -7.06
N TYR A 998 -16.23 -10.80 -6.42
CA TYR A 998 -14.88 -11.15 -6.85
C TYR A 998 -14.88 -12.56 -7.40
N ILE A 999 -14.52 -12.74 -8.67
CA ILE A 999 -14.68 -14.01 -9.34
C ILE A 999 -13.32 -14.48 -9.88
N PRO A 1000 -13.19 -15.77 -10.22
CA PRO A 1000 -11.89 -16.28 -10.70
C PRO A 1000 -11.53 -15.66 -12.04
N ALA A 1001 -10.27 -15.24 -12.18
CA ALA A 1001 -9.79 -14.50 -13.36
C ALA A 1001 -9.52 -15.38 -14.57
N TRP A 1002 -9.45 -16.70 -14.37
CA TRP A 1002 -8.87 -17.62 -15.34
C TRP A 1002 -9.52 -17.51 -16.72
N LEU A 1003 -8.68 -17.25 -17.71
CA LEU A 1003 -9.09 -17.11 -19.11
C LEU A 1003 -10.31 -16.20 -19.27
N THR A 1004 -10.24 -15.02 -18.66
CA THR A 1004 -11.24 -13.99 -18.95
C THR A 1004 -10.80 -13.10 -20.07
N SER A 1005 -9.50 -13.10 -20.36
CA SER A 1005 -8.88 -12.27 -21.39
C SER A 1005 -8.36 -13.09 -22.57
N LYS A 1006 -7.67 -14.19 -22.31
CA LYS A 1006 -7.07 -15.02 -23.34
C LYS A 1006 -8.07 -16.08 -23.83
N ILE A 1007 -9.17 -15.58 -24.37
CA ILE A 1007 -10.29 -16.39 -24.82
C ILE A 1007 -10.98 -15.63 -25.96
N ASP A 1008 -11.42 -16.35 -26.97
CA ASP A 1008 -12.13 -15.80 -28.11
C ASP A 1008 -13.59 -15.58 -27.73
N PRO A 1009 -14.05 -14.34 -27.56
CA PRO A 1009 -15.43 -14.10 -27.11
C PRO A 1009 -16.50 -14.58 -28.08
N SER A 1010 -16.14 -14.80 -29.36
CA SER A 1010 -17.12 -15.17 -30.37
C SER A 1010 -17.30 -16.69 -30.51
N THR A 1011 -16.38 -17.48 -29.95
CA THR A 1011 -16.47 -18.93 -29.99
C THR A 1011 -16.30 -19.58 -28.64
N GLY A 1012 -15.68 -18.90 -27.68
CA GLY A 1012 -15.24 -19.52 -26.44
C GLY A 1012 -13.96 -20.31 -26.56
N PHE A 1013 -13.22 -20.19 -27.67
CA PHE A 1013 -11.98 -20.95 -27.83
C PHE A 1013 -10.87 -20.42 -26.93
N VAL A 1014 -10.14 -21.34 -26.31
CA VAL A 1014 -8.98 -21.03 -25.47
C VAL A 1014 -7.86 -21.96 -25.89
N ASN A 1015 -6.62 -21.53 -25.60
CA ASN A 1015 -5.42 -22.33 -25.88
C ASN A 1015 -5.11 -23.21 -24.67
N LEU A 1016 -5.39 -24.51 -24.78
CA LEU A 1016 -5.05 -25.43 -23.71
C LEU A 1016 -3.89 -26.36 -24.10
N LEU A 1017 -3.19 -26.07 -25.21
CA LEU A 1017 -2.03 -26.84 -25.64
C LEU A 1017 -0.76 -26.43 -24.90
N LYS A 1018 0.12 -27.39 -24.66
CA LYS A 1018 1.45 -27.16 -24.11
C LYS A 1018 2.43 -27.18 -25.28
N THR A 1019 2.97 -26.01 -25.63
CA THR A 1019 3.72 -25.84 -26.87
C THR A 1019 5.18 -25.49 -26.68
N LYS A 1020 5.66 -25.38 -25.44
CA LYS A 1020 7.09 -25.25 -25.20
C LYS A 1020 7.81 -26.43 -25.82
N TYR A 1021 8.84 -26.16 -26.62
CA TYR A 1021 9.63 -27.25 -27.17
C TYR A 1021 10.34 -27.99 -26.04
N THR A 1022 10.34 -29.33 -26.13
CA THR A 1022 11.05 -30.13 -25.12
C THR A 1022 11.96 -31.19 -25.75
N SER A 1023 11.51 -31.88 -26.79
CA SER A 1023 12.40 -32.80 -27.51
C SER A 1023 11.81 -33.13 -28.88
N ILE A 1024 12.63 -33.83 -29.69
CA ILE A 1024 12.17 -34.29 -31.01
C ILE A 1024 10.98 -35.23 -30.86
N ALA A 1025 11.11 -36.26 -30.01
CA ALA A 1025 10.06 -37.25 -29.89
C ALA A 1025 8.77 -36.64 -29.35
N ASP A 1026 8.87 -35.67 -28.43
CA ASP A 1026 7.67 -34.99 -27.95
C ASP A 1026 7.03 -34.16 -29.05
N SER A 1027 7.84 -33.52 -29.88
CA SER A 1027 7.32 -32.76 -31.00
C SER A 1027 6.66 -33.67 -32.02
N LYS A 1028 7.24 -34.84 -32.28
CA LYS A 1028 6.61 -35.78 -33.21
C LYS A 1028 5.26 -36.23 -32.69
N LYS A 1029 5.18 -36.47 -31.38
CA LYS A 1029 3.92 -36.91 -30.76
C LYS A 1029 2.88 -35.80 -30.82
N PHE A 1030 3.28 -34.57 -30.49
CA PHE A 1030 2.40 -33.42 -30.59
C PHE A 1030 1.83 -33.27 -32.00
N ILE A 1031 2.69 -33.34 -33.01
CA ILE A 1031 2.26 -33.17 -34.40
C ILE A 1031 1.27 -34.27 -34.79
N SER A 1032 1.58 -35.52 -34.42
CA SER A 1032 0.74 -36.65 -34.79
C SER A 1032 -0.59 -36.68 -34.06
N SER A 1033 -0.73 -35.93 -32.97
CA SER A 1033 -2.00 -35.88 -32.25
C SER A 1033 -3.04 -34.98 -32.92
N PHE A 1034 -2.63 -34.13 -33.86
CA PHE A 1034 -3.60 -33.42 -34.68
C PHE A 1034 -4.31 -34.41 -35.60
N ASP A 1035 -5.58 -34.15 -35.88
CA ASP A 1035 -6.28 -35.01 -36.84
C ASP A 1035 -5.84 -34.74 -38.26
N ARG A 1036 -5.49 -33.50 -38.60
CA ARG A 1036 -4.92 -33.20 -39.90
C ARG A 1036 -4.18 -31.88 -39.84
N ILE A 1037 -3.08 -31.78 -40.61
CA ILE A 1037 -2.40 -30.52 -40.85
C ILE A 1037 -2.20 -30.39 -42.35
N MET A 1038 -2.71 -29.30 -42.92
CA MET A 1038 -2.66 -29.18 -44.37
C MET A 1038 -2.65 -27.71 -44.75
N TYR A 1039 -2.10 -27.45 -45.94
CA TYR A 1039 -2.23 -26.14 -46.57
C TYR A 1039 -3.54 -26.09 -47.36
N VAL A 1040 -4.19 -24.94 -47.32
CA VAL A 1040 -5.50 -24.75 -47.95
C VAL A 1040 -5.31 -23.74 -49.07
N PRO A 1041 -5.07 -24.20 -50.30
CA PRO A 1041 -4.79 -23.27 -51.42
C PRO A 1041 -5.81 -22.17 -51.58
N GLU A 1042 -7.11 -22.49 -51.50
CA GLU A 1042 -8.17 -21.53 -51.82
C GLU A 1042 -8.25 -20.40 -50.81
N GLU A 1043 -7.60 -20.53 -49.65
CA GLU A 1043 -7.58 -19.47 -48.66
C GLU A 1043 -6.18 -18.96 -48.36
N ASP A 1044 -5.14 -19.59 -48.91
CA ASP A 1044 -3.76 -19.31 -48.54
C ASP A 1044 -3.60 -19.31 -47.01
N LEU A 1045 -3.98 -20.43 -46.40
CA LEU A 1045 -3.89 -20.60 -44.96
C LEU A 1045 -3.53 -22.03 -44.66
N PHE A 1046 -2.82 -22.24 -43.55
CA PHE A 1046 -2.59 -23.59 -43.05
C PHE A 1046 -3.68 -23.91 -42.05
N GLU A 1047 -4.22 -25.13 -42.15
CA GLU A 1047 -5.25 -25.61 -41.24
C GLU A 1047 -4.70 -26.71 -40.35
N PHE A 1048 -5.03 -26.63 -39.05
CA PHE A 1048 -4.56 -27.57 -38.02
C PHE A 1048 -5.80 -28.10 -37.31
N ALA A 1049 -6.35 -29.22 -37.76
CA ALA A 1049 -7.54 -29.76 -37.14
C ALA A 1049 -7.18 -30.59 -35.92
N LEU A 1050 -7.78 -30.27 -34.76
CA LEU A 1050 -7.45 -30.96 -33.52
C LEU A 1050 -8.69 -31.36 -32.73
N ASP A 1051 -8.59 -32.49 -32.04
CA ASP A 1051 -9.54 -32.89 -31.02
C ASP A 1051 -8.81 -32.83 -29.70
N TYR A 1052 -9.19 -31.86 -28.85
CA TYR A 1052 -8.53 -31.65 -27.56
C TYR A 1052 -8.44 -32.91 -26.71
N LYS A 1053 -9.27 -33.93 -26.97
CA LYS A 1053 -9.21 -35.18 -26.22
C LYS A 1053 -7.92 -35.96 -26.48
N ASN A 1054 -7.16 -35.63 -27.53
CA ASN A 1054 -5.89 -36.28 -27.82
C ASN A 1054 -4.68 -35.58 -27.20
N PHE A 1055 -4.88 -34.55 -26.37
CA PHE A 1055 -3.80 -33.73 -25.85
C PHE A 1055 -3.84 -33.67 -24.33
N SER A 1056 -2.70 -33.29 -23.74
CA SER A 1056 -2.51 -33.43 -22.31
C SER A 1056 -3.30 -32.40 -21.51
N ARG A 1057 -4.07 -32.87 -20.54
CA ARG A 1057 -4.79 -32.05 -19.57
C ARG A 1057 -5.57 -30.93 -20.24
N THR A 1058 -6.48 -31.34 -21.12
CA THR A 1058 -7.37 -30.44 -21.83
C THR A 1058 -8.83 -30.62 -21.40
N ASP A 1059 -9.06 -31.32 -20.28
CA ASP A 1059 -10.40 -31.75 -19.86
C ASP A 1059 -11.40 -30.60 -19.73
N ALA A 1060 -10.95 -29.41 -19.36
CA ALA A 1060 -11.89 -28.31 -19.10
C ALA A 1060 -12.67 -27.92 -20.35
N ASP A 1061 -12.09 -28.14 -21.53
CA ASP A 1061 -12.75 -27.71 -22.77
C ASP A 1061 -14.05 -28.46 -22.97
N TYR A 1062 -15.04 -27.75 -23.51
CA TYR A 1062 -16.36 -28.31 -23.80
C TYR A 1062 -16.50 -28.79 -25.25
N ILE A 1063 -16.24 -27.90 -26.22
CA ILE A 1063 -16.44 -28.21 -27.64
C ILE A 1063 -15.41 -29.23 -28.15
N LYS A 1064 -14.20 -29.24 -27.59
CA LYS A 1064 -13.18 -30.25 -27.88
C LYS A 1064 -12.60 -30.21 -29.30
N LYS A 1065 -13.44 -30.15 -30.35
CA LYS A 1065 -12.99 -30.27 -31.74
C LYS A 1065 -12.87 -28.90 -32.40
N TRP A 1066 -11.65 -28.48 -32.74
CA TRP A 1066 -11.39 -27.16 -33.28
C TRP A 1066 -10.54 -27.23 -34.54
N LYS A 1067 -10.74 -26.26 -35.44
CA LYS A 1067 -9.88 -26.08 -36.60
C LYS A 1067 -9.11 -24.77 -36.45
N LEU A 1068 -7.79 -24.86 -36.26
CA LEU A 1068 -6.94 -23.68 -36.16
C LEU A 1068 -6.38 -23.32 -37.52
N TYR A 1069 -6.23 -22.01 -37.77
CA TYR A 1069 -5.73 -21.50 -39.04
C TYR A 1069 -4.58 -20.51 -38.81
N SER A 1070 -3.60 -20.50 -39.72
CA SER A 1070 -2.51 -19.55 -39.66
C SER A 1070 -2.94 -18.13 -40.04
N TYR A 1071 -3.99 -17.61 -39.42
CA TYR A 1071 -4.61 -16.39 -39.95
C TYR A 1071 -4.01 -15.15 -39.30
N GLY A 1072 -3.61 -14.18 -40.13
CA GLY A 1072 -3.13 -12.88 -39.68
C GLY A 1072 -1.75 -12.91 -39.03
N ASN A 1073 -1.45 -11.82 -38.33
CA ASN A 1073 -0.13 -11.63 -37.74
C ASN A 1073 -0.17 -11.81 -36.23
N ARG A 1074 1.02 -11.86 -35.65
CA ARG A 1074 1.22 -11.88 -34.21
C ARG A 1074 2.41 -11.00 -33.87
N ILE A 1075 2.53 -10.65 -32.60
CA ILE A 1075 3.68 -9.92 -32.07
C ILE A 1075 4.44 -10.86 -31.15
N ARG A 1076 5.64 -11.25 -31.55
CA ARG A 1076 6.46 -12.16 -30.75
C ARG A 1076 7.31 -11.35 -29.79
N ILE A 1077 7.14 -11.60 -28.48
CA ILE A 1077 7.90 -10.97 -27.41
C ILE A 1077 9.11 -11.84 -27.09
N PHE A 1078 10.28 -11.23 -26.95
CA PHE A 1078 11.53 -11.96 -26.77
C PHE A 1078 12.62 -10.98 -26.35
N ARG A 1079 13.76 -11.53 -25.94
CA ARG A 1079 14.91 -10.73 -25.52
C ARG A 1079 16.13 -11.07 -26.37
N ASN A 1080 16.89 -10.04 -26.76
CA ASN A 1080 18.04 -10.20 -27.66
C ASN A 1080 19.36 -10.19 -26.91
N ASN A 1085 20.24 -8.47 -23.92
CA ASN A 1085 19.08 -9.34 -23.83
C ASN A 1085 17.96 -8.75 -22.97
N VAL A 1086 17.20 -7.82 -23.55
CA VAL A 1086 16.02 -7.22 -22.95
C VAL A 1086 14.86 -7.42 -23.91
N PHE A 1087 13.64 -7.23 -23.40
CA PHE A 1087 12.43 -7.51 -24.17
C PHE A 1087 12.29 -6.71 -25.46
N ASP A 1088 12.46 -7.38 -26.60
CA ASP A 1088 12.21 -6.81 -27.93
C ASP A 1088 10.92 -7.42 -28.50
N TRP A 1089 10.59 -7.03 -29.72
CA TRP A 1089 9.41 -7.58 -30.39
C TRP A 1089 9.62 -7.57 -31.90
N GLU A 1090 8.96 -8.51 -32.57
CA GLU A 1090 8.86 -8.49 -34.03
C GLU A 1090 7.47 -8.97 -34.43
N GLU A 1091 6.94 -8.37 -35.48
CA GLU A 1091 5.73 -8.86 -36.12
C GLU A 1091 6.02 -10.14 -36.88
N VAL A 1092 5.08 -11.07 -36.86
CA VAL A 1092 5.19 -12.33 -37.60
C VAL A 1092 3.95 -12.46 -38.47
N CYS A 1093 4.13 -12.78 -39.74
CA CYS A 1093 3.03 -13.23 -40.58
C CYS A 1093 3.01 -14.75 -40.58
N LEU A 1094 1.93 -15.33 -40.03
CA LEU A 1094 1.89 -16.76 -39.72
C LEU A 1094 2.04 -17.63 -40.98
N THR A 1095 1.12 -17.45 -41.94
CA THR A 1095 1.19 -18.23 -43.18
C THR A 1095 2.57 -18.12 -43.81
N SER A 1096 3.08 -16.89 -43.93
CA SER A 1096 4.38 -16.69 -44.54
C SER A 1096 5.50 -17.34 -43.72
N ALA A 1097 5.43 -17.25 -42.39
CA ALA A 1097 6.43 -17.91 -41.55
C ALA A 1097 6.40 -19.44 -41.71
N TYR A 1098 5.20 -20.04 -41.67
CA TYR A 1098 5.09 -21.48 -41.92
C TYR A 1098 5.70 -21.85 -43.28
N LYS A 1099 5.49 -21.03 -44.30
CA LYS A 1099 6.09 -21.34 -45.60
C LYS A 1099 7.62 -21.21 -45.55
N GLU A 1100 8.12 -20.18 -44.87
CA GLU A 1100 9.58 -20.06 -44.69
C GLU A 1100 10.16 -21.29 -44.01
N LEU A 1101 9.57 -21.67 -42.87
CA LEU A 1101 10.04 -22.85 -42.13
C LEU A 1101 10.01 -24.10 -42.99
N PHE A 1102 8.86 -24.39 -43.61
CA PHE A 1102 8.77 -25.60 -44.44
C PHE A 1102 9.72 -25.55 -45.63
N ASN A 1103 9.98 -24.35 -46.17
CA ASN A 1103 10.91 -24.25 -47.28
C ASN A 1103 12.35 -24.49 -46.82
N LYS A 1104 12.70 -23.92 -45.66
CA LYS A 1104 14.03 -24.10 -45.10
C LYS A 1104 14.45 -25.56 -45.05
N TYR A 1105 13.49 -26.47 -44.82
CA TYR A 1105 13.79 -27.89 -44.66
C TYR A 1105 13.34 -28.72 -45.86
N GLY A 1106 13.04 -28.08 -47.00
CA GLY A 1106 12.63 -28.82 -48.18
C GLY A 1106 11.31 -29.55 -48.03
N ILE A 1107 10.43 -29.04 -47.20
CA ILE A 1107 9.16 -29.69 -46.94
C ILE A 1107 8.16 -29.25 -48.01
N ASN A 1108 7.57 -30.23 -48.69
CA ASN A 1108 6.55 -29.99 -49.71
C ASN A 1108 5.19 -29.88 -49.00
N TYR A 1109 4.87 -28.67 -48.53
CA TYR A 1109 3.71 -28.46 -47.68
C TYR A 1109 2.36 -28.52 -48.42
N GLN A 1110 2.38 -28.60 -49.76
CA GLN A 1110 1.17 -28.74 -50.56
C GLN A 1110 0.58 -30.15 -50.51
N GLN A 1111 1.30 -31.11 -49.91
CA GLN A 1111 1.01 -32.54 -50.11
C GLN A 1111 -0.10 -33.04 -49.18
N GLY A 1112 -1.29 -32.46 -49.33
CA GLY A 1112 -2.41 -32.87 -48.49
C GLY A 1112 -2.07 -32.84 -47.00
N ASP A 1113 -2.49 -33.87 -46.28
CA ASP A 1113 -2.12 -34.04 -44.89
C ASP A 1113 -0.61 -34.24 -44.78
N ILE A 1114 0.05 -33.42 -43.97
CA ILE A 1114 1.51 -33.43 -43.90
C ILE A 1114 2.01 -33.79 -42.49
N ARG A 1115 1.14 -34.31 -41.63
CA ARG A 1115 1.57 -34.71 -40.29
C ARG A 1115 2.71 -35.73 -40.36
N ALA A 1116 2.53 -36.81 -41.13
CA ALA A 1116 3.56 -37.83 -41.22
C ALA A 1116 4.82 -37.29 -41.88
N LEU A 1117 4.66 -36.45 -42.91
CA LEU A 1117 5.82 -35.88 -43.60
C LEU A 1117 6.65 -35.00 -42.67
N LEU A 1118 5.98 -34.24 -41.80
CA LEU A 1118 6.69 -33.37 -40.87
C LEU A 1118 7.43 -34.18 -39.82
N CYS A 1119 6.96 -35.39 -39.53
CA CYS A 1119 7.61 -36.25 -38.55
C CYS A 1119 8.82 -36.97 -39.12
N GLU A 1120 9.08 -36.83 -40.42
CA GLU A 1120 10.30 -37.38 -41.02
C GLU A 1120 11.51 -36.48 -40.86
N GLN A 1121 11.33 -35.25 -40.34
CA GLN A 1121 12.48 -34.40 -40.07
C GLN A 1121 13.29 -34.97 -38.91
N SER A 1122 14.61 -34.74 -38.95
CA SER A 1122 15.51 -35.14 -37.88
C SER A 1122 16.19 -33.97 -37.18
N ASP A 1123 16.16 -32.77 -37.76
CA ASP A 1123 16.82 -31.62 -37.16
C ASP A 1123 15.97 -31.08 -36.01
N LYS A 1124 16.59 -30.96 -34.82
CA LYS A 1124 15.88 -30.41 -33.68
C LYS A 1124 15.42 -28.98 -33.92
N ALA A 1125 16.19 -28.22 -34.71
CA ALA A 1125 15.83 -26.82 -34.97
C ALA A 1125 14.49 -26.72 -35.70
N PHE A 1126 14.18 -27.68 -36.56
CA PHE A 1126 12.87 -27.69 -37.22
C PHE A 1126 11.75 -27.81 -36.20
N TYR A 1127 11.79 -28.85 -35.38
CA TYR A 1127 10.71 -29.07 -34.42
C TYR A 1127 10.61 -27.91 -33.44
N SER A 1128 11.77 -27.36 -33.05
CA SER A 1128 11.82 -26.22 -32.16
C SER A 1128 11.17 -24.99 -32.80
N SER A 1129 11.47 -24.73 -34.08
CA SER A 1129 10.91 -23.57 -34.75
C SER A 1129 9.43 -23.76 -35.02
N PHE A 1130 9.02 -25.01 -35.29
CA PHE A 1130 7.62 -25.33 -35.51
C PHE A 1130 6.78 -25.13 -34.25
N MET A 1131 7.28 -25.55 -33.07
CA MET A 1131 6.53 -25.36 -31.82
C MET A 1131 6.40 -23.88 -31.48
N ALA A 1132 7.45 -23.08 -31.74
CA ALA A 1132 7.38 -21.64 -31.53
C ALA A 1132 6.27 -21.00 -32.38
N LEU A 1133 6.15 -21.42 -33.64
CA LEU A 1133 5.10 -20.87 -34.51
C LEU A 1133 3.71 -21.27 -34.02
N MET A 1134 3.54 -22.51 -33.54
CA MET A 1134 2.27 -22.90 -32.94
C MET A 1134 1.92 -22.03 -31.73
N SER A 1135 2.90 -21.80 -30.84
CA SER A 1135 2.64 -20.89 -29.71
C SER A 1135 2.19 -19.52 -30.23
N LEU A 1136 2.88 -18.97 -31.24
CA LEU A 1136 2.50 -17.67 -31.76
C LEU A 1136 1.09 -17.71 -32.33
N MET A 1137 0.73 -18.80 -33.01
CA MET A 1137 -0.62 -18.92 -33.55
C MET A 1137 -1.66 -18.98 -32.43
N LEU A 1138 -1.37 -19.72 -31.36
CA LEU A 1138 -2.30 -19.83 -30.25
C LEU A 1138 -2.24 -18.62 -29.32
N GLN A 1139 -1.36 -17.67 -29.59
CA GLN A 1139 -1.22 -16.45 -28.80
C GLN A 1139 -2.24 -15.45 -29.33
N MET A 1140 -3.41 -15.41 -28.70
CA MET A 1140 -4.47 -14.56 -29.19
C MET A 1140 -4.29 -13.10 -28.77
N ARG A 1141 -3.76 -12.85 -27.58
CA ARG A 1141 -3.46 -11.50 -27.14
C ARG A 1141 -2.10 -11.09 -27.68
N ASN A 1142 -2.03 -9.89 -28.26
CA ASN A 1142 -0.80 -9.40 -28.89
C ASN A 1142 -0.67 -7.92 -28.58
N SER A 1143 0.52 -7.52 -28.14
CA SER A 1143 0.69 -6.12 -27.77
C SER A 1143 2.15 -5.75 -27.87
N ILE A 1144 2.39 -4.46 -28.05
CA ILE A 1144 3.71 -3.85 -27.97
C ILE A 1144 3.86 -3.27 -26.56
N THR A 1145 5.04 -3.47 -25.97
CA THR A 1145 5.29 -2.95 -24.64
C THR A 1145 5.37 -1.43 -24.68
N GLY A 1146 4.60 -0.78 -23.79
CA GLY A 1146 4.51 0.67 -23.78
C GLY A 1146 4.04 1.24 -25.11
N ARG A 1147 2.79 0.94 -25.49
CA ARG A 1147 2.26 1.40 -26.77
C ARG A 1147 0.75 1.38 -26.72
N THR A 1148 0.14 2.45 -27.25
CA THR A 1148 -1.31 2.55 -27.25
C THR A 1148 -1.93 1.90 -28.48
N ASP A 1149 -1.18 1.82 -29.59
CA ASP A 1149 -1.73 1.42 -30.88
C ASP A 1149 -1.80 -0.09 -31.07
N VAL A 1150 -1.22 -0.89 -30.19
CA VAL A 1150 -1.24 -2.35 -30.37
C VAL A 1150 -1.56 -3.07 -29.05
N ASP A 1151 -2.80 -3.51 -28.89
CA ASP A 1151 -3.14 -4.48 -27.84
C ASP A 1151 -4.31 -5.36 -28.32
N PHE A 1152 -4.16 -5.97 -29.49
CA PHE A 1152 -5.31 -6.61 -30.12
C PHE A 1152 -5.45 -8.07 -29.72
N LEU A 1153 -6.67 -8.57 -29.93
CA LEU A 1153 -7.08 -9.94 -29.65
C LEU A 1153 -7.52 -10.55 -30.98
N ILE A 1154 -6.86 -11.63 -31.41
CA ILE A 1154 -7.18 -12.29 -32.66
C ILE A 1154 -7.19 -13.79 -32.43
N SER A 1155 -8.22 -14.46 -32.95
CA SER A 1155 -8.57 -15.87 -32.77
C SER A 1155 -8.08 -16.69 -33.96
N PRO A 1156 -7.46 -17.87 -33.75
CA PRO A 1156 -7.07 -18.71 -34.89
C PRO A 1156 -8.17 -19.68 -35.32
N VAL A 1157 -9.40 -19.39 -34.89
CA VAL A 1157 -10.55 -20.27 -35.12
C VAL A 1157 -11.66 -19.47 -35.79
N LYS A 1158 -12.41 -20.12 -36.69
CA LYS A 1158 -13.56 -19.46 -37.29
C LYS A 1158 -14.81 -19.65 -36.43
N ASN A 1159 -15.70 -18.66 -36.51
CA ASN A 1159 -17.03 -18.79 -35.93
C ASN A 1159 -17.97 -19.44 -36.96
N SER A 1160 -19.27 -19.47 -36.64
CA SER A 1160 -20.24 -20.21 -37.45
C SER A 1160 -20.37 -19.68 -38.88
N ASP A 1161 -19.90 -18.48 -39.16
CA ASP A 1161 -19.99 -17.90 -40.50
C ASP A 1161 -18.65 -17.91 -41.23
N GLY A 1162 -17.62 -18.54 -40.67
CA GLY A 1162 -16.30 -18.54 -41.28
C GLY A 1162 -15.50 -17.29 -41.02
N ILE A 1163 -15.83 -16.55 -39.97
CA ILE A 1163 -15.17 -15.29 -39.66
C ILE A 1163 -14.22 -15.51 -38.49
N PHE A 1164 -13.00 -15.01 -38.63
CA PHE A 1164 -12.08 -14.93 -37.50
C PHE A 1164 -12.40 -13.70 -36.69
N TYR A 1165 -12.50 -13.87 -35.37
CA TYR A 1165 -12.66 -12.72 -34.52
C TYR A 1165 -11.34 -11.94 -34.45
N ASP A 1166 -11.43 -10.65 -34.74
CA ASP A 1166 -10.29 -9.72 -34.73
C ASP A 1166 -10.77 -8.46 -34.02
N SER A 1167 -10.27 -8.23 -32.79
CA SER A 1167 -10.78 -7.11 -32.00
C SER A 1167 -10.67 -5.80 -32.76
N ARG A 1168 -9.65 -5.66 -33.61
CA ARG A 1168 -9.46 -4.41 -34.34
C ARG A 1168 -10.65 -4.06 -35.24
N ASN A 1169 -11.41 -5.05 -35.70
CA ASN A 1169 -12.63 -4.75 -36.45
C ASN A 1169 -13.71 -4.15 -35.56
N TYR A 1170 -13.57 -4.29 -34.24
CA TYR A 1170 -14.47 -3.63 -33.30
C TYR A 1170 -13.88 -2.38 -32.69
N GLU A 1171 -12.54 -2.27 -32.63
CA GLU A 1171 -11.91 -1.03 -32.18
C GLU A 1171 -12.41 0.16 -32.99
N ALA A 1172 -12.60 -0.03 -34.30
CA ALA A 1172 -13.06 1.06 -35.15
C ALA A 1172 -14.47 1.51 -34.77
N GLN A 1173 -15.37 0.57 -34.51
CA GLN A 1173 -16.78 0.89 -34.34
C GLN A 1173 -17.03 1.64 -33.04
N GLU A 1174 -17.91 2.63 -33.09
CA GLU A 1174 -18.24 3.40 -31.88
C GLU A 1174 -19.15 2.61 -30.94
N ASN A 1175 -20.12 1.89 -31.49
CA ASN A 1175 -21.00 1.00 -30.74
C ASN A 1175 -20.71 -0.45 -31.17
N ALA A 1176 -19.92 -1.18 -30.37
CA ALA A 1176 -19.46 -2.51 -30.75
C ALA A 1176 -20.18 -3.59 -29.95
N ILE A 1177 -20.53 -4.68 -30.65
CA ILE A 1177 -21.25 -5.82 -30.07
C ILE A 1177 -20.31 -6.81 -29.36
N LEU A 1178 -19.06 -6.88 -29.80
CA LEU A 1178 -18.08 -7.74 -29.16
C LEU A 1178 -17.00 -6.84 -28.55
N PRO A 1179 -16.12 -7.35 -27.70
CA PRO A 1179 -15.09 -6.48 -27.10
C PRO A 1179 -14.19 -5.83 -28.15
N LYS A 1180 -13.76 -4.61 -27.86
CA LYS A 1180 -12.95 -3.83 -28.78
C LYS A 1180 -11.45 -4.12 -28.66
N ASN A 1181 -11.01 -4.86 -27.65
CA ASN A 1181 -9.60 -5.17 -27.45
C ASN A 1181 -9.53 -6.20 -26.32
N ALA A 1182 -8.32 -6.62 -25.98
CA ALA A 1182 -8.18 -7.71 -25.01
C ALA A 1182 -8.64 -7.27 -23.63
N ASP A 1183 -8.40 -6.01 -23.26
CA ASP A 1183 -8.79 -5.53 -21.95
C ASP A 1183 -10.30 -5.41 -21.84
N ALA A 1184 -10.97 -4.94 -22.89
CA ALA A 1184 -12.41 -4.99 -22.90
C ALA A 1184 -12.91 -6.43 -22.77
N ASN A 1185 -12.23 -7.36 -23.45
CA ASN A 1185 -12.60 -8.76 -23.34
C ASN A 1185 -12.49 -9.24 -21.89
N GLY A 1186 -11.40 -8.89 -21.21
CA GLY A 1186 -11.27 -9.23 -19.81
C GLY A 1186 -12.44 -8.75 -18.98
N ALA A 1187 -12.83 -7.48 -19.15
CA ALA A 1187 -13.90 -6.89 -18.36
C ALA A 1187 -15.24 -7.53 -18.68
N TYR A 1188 -15.53 -7.72 -19.97
CA TYR A 1188 -16.68 -8.46 -20.44
C TYR A 1188 -16.82 -9.80 -19.71
N ASN A 1189 -15.78 -10.64 -19.76
CA ASN A 1189 -15.88 -12.00 -19.23
C ASN A 1189 -15.83 -12.05 -17.71
N ILE A 1190 -15.25 -11.02 -17.07
CA ILE A 1190 -15.39 -10.87 -15.63
C ILE A 1190 -16.86 -10.63 -15.27
N ALA A 1191 -17.53 -9.76 -16.02
CA ALA A 1191 -18.95 -9.52 -15.82
C ALA A 1191 -19.77 -10.79 -16.08
N ARG A 1192 -19.44 -11.52 -17.13
CA ARG A 1192 -20.19 -12.75 -17.42
C ARG A 1192 -19.96 -13.81 -16.33
N LYS A 1193 -18.75 -13.89 -15.75
CA LYS A 1193 -18.57 -14.86 -14.67
C LYS A 1193 -19.41 -14.52 -13.45
N VAL A 1194 -19.84 -13.27 -13.30
CA VAL A 1194 -20.81 -12.92 -12.28
C VAL A 1194 -22.24 -13.18 -12.77
N LEU A 1195 -22.54 -12.96 -14.06
CA LEU A 1195 -23.79 -13.45 -14.60
C LEU A 1195 -23.99 -14.93 -14.29
N TRP A 1196 -22.92 -15.72 -14.37
CA TRP A 1196 -23.01 -17.13 -14.05
C TRP A 1196 -23.42 -17.33 -12.60
N ALA A 1197 -22.77 -16.59 -11.70
CA ALA A 1197 -23.10 -16.71 -10.28
C ALA A 1197 -24.54 -16.30 -10.01
N ILE A 1198 -24.99 -15.21 -10.63
CA ILE A 1198 -26.40 -14.85 -10.57
C ILE A 1198 -27.27 -16.00 -11.06
N GLY A 1199 -26.84 -16.71 -12.10
CA GLY A 1199 -27.54 -17.90 -12.55
C GLY A 1199 -27.61 -18.99 -11.49
N GLN A 1200 -26.61 -19.04 -10.61
CA GLN A 1200 -26.66 -20.00 -9.51
C GLN A 1200 -27.67 -19.55 -8.46
N PHE A 1201 -27.70 -18.25 -8.15
CA PHE A 1201 -28.69 -17.73 -7.22
C PHE A 1201 -30.11 -18.11 -7.65
N LYS A 1202 -30.36 -18.11 -8.97
CA LYS A 1202 -31.70 -18.39 -9.45
C LYS A 1202 -32.05 -19.88 -9.39
N LYS A 1203 -31.03 -20.76 -9.44
CA LYS A 1203 -31.24 -22.20 -9.26
C LYS A 1203 -31.37 -22.62 -7.80
N ALA A 1204 -31.61 -21.69 -6.86
CA ALA A 1204 -31.49 -22.01 -5.46
C ALA A 1204 -32.66 -21.42 -4.68
N GLU A 1205 -33.18 -22.18 -3.71
CA GLU A 1205 -34.16 -21.60 -2.80
C GLU A 1205 -33.55 -20.43 -2.02
N ASP A 1206 -34.41 -19.51 -1.59
CA ASP A 1206 -33.95 -18.30 -0.90
C ASP A 1206 -33.21 -18.63 0.39
N GLU A 1207 -33.71 -19.62 1.14
CA GLU A 1207 -33.08 -19.96 2.42
C GLU A 1207 -31.65 -20.43 2.26
N LYS A 1208 -31.25 -20.84 1.06
CA LYS A 1208 -29.91 -21.37 0.81
C LYS A 1208 -29.05 -20.44 -0.02
N LEU A 1209 -29.56 -19.27 -0.41
CA LEU A 1209 -28.77 -18.33 -1.21
C LEU A 1209 -27.41 -18.07 -0.58
N ASP A 1210 -27.35 -18.04 0.75
CA ASP A 1210 -26.13 -17.67 1.47
C ASP A 1210 -24.98 -18.64 1.19
N LYS A 1211 -25.28 -19.88 0.85
CA LYS A 1211 -24.27 -20.91 0.69
C LYS A 1211 -23.97 -21.23 -0.77
N VAL A 1212 -24.50 -20.45 -1.71
CA VAL A 1212 -24.27 -20.67 -3.13
C VAL A 1212 -22.87 -20.23 -3.49
N LYS A 1213 -22.09 -21.13 -4.08
CA LYS A 1213 -20.73 -20.84 -4.49
C LYS A 1213 -20.74 -19.90 -5.70
N ILE A 1214 -19.98 -18.80 -5.63
CA ILE A 1214 -19.96 -17.84 -6.72
C ILE A 1214 -18.74 -18.00 -7.64
N ALA A 1215 -17.83 -18.91 -7.32
CA ALA A 1215 -16.59 -19.06 -8.09
C ALA A 1215 -16.82 -20.10 -9.17
N ILE A 1216 -17.02 -19.62 -10.40
CA ILE A 1216 -17.20 -20.55 -11.53
C ILE A 1216 -15.94 -21.38 -11.70
N SER A 1217 -16.11 -22.68 -11.89
CA SER A 1217 -14.94 -23.51 -12.12
C SER A 1217 -14.47 -23.32 -13.56
N ASN A 1218 -13.22 -23.74 -13.80
CA ASN A 1218 -12.65 -23.60 -15.15
C ASN A 1218 -13.44 -24.41 -16.17
N LYS A 1219 -13.86 -25.63 -15.80
CA LYS A 1219 -14.66 -26.45 -16.69
C LYS A 1219 -16.02 -25.82 -16.94
N GLU A 1220 -16.67 -25.32 -15.88
CA GLU A 1220 -17.96 -24.66 -16.05
C GLU A 1220 -17.84 -23.43 -16.94
N TRP A 1221 -16.70 -22.72 -16.88
CA TRP A 1221 -16.54 -21.48 -17.62
C TRP A 1221 -16.41 -21.73 -19.13
N LEU A 1222 -15.54 -22.65 -19.54
CA LEU A 1222 -15.43 -22.93 -20.98
C LEU A 1222 -16.75 -23.42 -21.56
N GLU A 1223 -17.44 -24.29 -20.83
CA GLU A 1223 -18.77 -24.71 -21.27
C GLU A 1223 -19.68 -23.51 -21.46
N TYR A 1224 -19.69 -22.61 -20.47
CA TYR A 1224 -20.55 -21.44 -20.52
C TYR A 1224 -20.17 -20.52 -21.67
N ALA A 1225 -18.88 -20.27 -21.85
CA ALA A 1225 -18.46 -19.38 -22.92
C ALA A 1225 -18.58 -20.03 -24.30
N GLN A 1226 -18.60 -21.35 -24.37
CA GLN A 1226 -18.68 -22.01 -25.66
C GLN A 1226 -20.09 -22.38 -26.04
N THR A 1227 -21.08 -22.22 -25.13
CA THR A 1227 -22.48 -22.41 -25.45
C THR A 1227 -23.29 -21.11 -25.46
N SER A 1228 -22.72 -19.99 -25.03
CA SER A 1228 -23.38 -18.69 -25.14
C SER A 1228 -23.45 -18.18 -26.58
N VAL A 1229 -22.88 -18.92 -27.52
CA VAL A 1229 -22.78 -18.51 -28.92
C VAL A 1229 -23.11 -19.72 -29.81
MG MG E . -18.57 23.83 -6.25
C1 EDO F . -22.64 27.11 2.14
O1 EDO F . -23.36 26.33 1.19
C2 EDO F . -23.10 28.56 2.05
O2 EDO F . -24.50 28.59 2.34
NA NA G . 15.76 -2.69 0.31
C1 EDO H . -10.82 15.66 15.08
O1 EDO H . -9.39 15.48 15.03
C2 EDO H . -11.46 14.32 15.41
O2 EDO H . -11.31 13.45 14.29
#